data_7EZV
#
_entry.id   7EZV
#
_cell.length_a   1.00
_cell.length_b   1.00
_cell.length_c   1.00
_cell.angle_alpha   90.00
_cell.angle_beta   90.00
_cell.angle_gamma   90.00
#
_symmetry.space_group_name_H-M   'P 1'
#
loop_
_entity.id
_entity.type
_entity.pdbx_description
1 polymer 'Spike glycoprotein'
2 polymer '812 H'
3 polymer 812L
4 polymer 836H
5 polymer 836L
#
loop_
_entity_poly.entity_id
_entity_poly.type
_entity_poly.pdbx_seq_one_letter_code
_entity_poly.pdbx_strand_id
1 'polypeptide(L)'
;MFVFLVLLPLVSSQCVNFTTRTQLPPAYTNSFTRGVYYPDKVFRSSVLHSTQDLFLPFFSNVTWFHAIHVSGTNGTKRFA
NPVLPFNDGVYFASTEKSNIIRGWIFGTTLDSKTQSLLIVNNATNVVIKVCEFQFCNDPFLGVYYHKNNKSWMESEFRVY
SSANNCTFEYVSQPFLMDLEGKQGNFKNLREFVFKNIDGYFKIYSKHTPINLVRGLPQGFSALEPLVDLPIGINITRFQT
LHRSYLTPGDSSSGWTAGAAAYYVGYLQPRTFLLKYNENGTITDAVDCALDPLSETKCTLKSFTVEKGIYQTSNFRVQPT
ESIVRFPNITNLCPFGEVFNATRFASVYAWNRKRISNCVADYSVLYNSASFSTFKCYGVSPTKLNDLCFTNVYADSFVIR
GDEVRQIAPGQTGNIADYNYKLPDDFTGCVIAWNSNNLDSKVGGNYNYLYRLFRKSNLKPFERDISTEIYQAGSTPCNGV
KGFNCYFPLQSYGFQPTYGVGYQPYRVVVLSFELLHAPATVCGPKKSTNLVKNKCVNFNFNGLTGTGVLTESNKKFLPFQ
QFGRDIADTTDAVRDPQTLEILDITPCSFGGVSVITPGTNTSNQVAVLYQGVNCTEVPVAIHADQLTPTWRVYSTGSNVF
QTRAGCLIGAEHVNNSYECDIPIGAGICASYQTQTNSPGSASSVASQSIIAYTMSLGVENSVAYSNNSIAIPTNFTISVT
TEILPVSMTKTSVDCTMYICGDSTECSNLLLQYGSFCTQLNRALTGIAVEQDKNTQEVFAQVKQIYKTPPIKDFGGFNFS
QILPDPSKPSKRSPIEDLLFNKVTLADAGFIKQYGDCLGDIAARDLICAQKFNGLTVLPPLLTDEMIAQYTSALLAGTIT
SGWTFGAGPALQIPFPMQMAYRFNGIGVTQNVLYENQKLIANQFNSAIGKIQDSLSSTPSALGKLQDVVNQNAQALNTLV
KQLSSNFGAISSVLNDILSRLDPPEAEVQIDRLITGRLQSLQTYVTQQLIRAAEIRASANLAATKMSECVLGQSKRVDFC
GKGYHLMSFPQSAPHGVVFLHVTYVPAQEKNFTTAPAICHDGKAHFPREGVFVSNGTHWFVTQRNFYEPQIITTDNTFVS
GNCDVVIGIVNNTVYDPLQPELDSFKEELDKYFKNHTSPDVDLGDISGINASVVNIQKEIDRLNEVAKNLNESLIDLQEL
GKYEQGSGYIPEAPRDGQAYVRKDGEWVLLSTFLGRSLEVLFQGPGHHHHHHHHSAWSHPQFEKGGGSGGGGSGGSAWSH
PQFEK
;
A
2 'polypeptide(L)'
;MGWSLILLFLVAVATRVLSEVQLVQSGAEVKKPGESLKISCQFSEYKLISFWIAWVRQRPGKGLEWMGIIYPDDSDTKYS
PSSQGQVTISADKSIRTAYLQWSSLMASDTAMYYCTSGSYYGTLDFWGQGTLVTVSSASTKGPSVFPLAPSSKSTSGGTA
ALGCLVKDYFPEPVTVSWNSGALTSGVHTFPAVLQSSGLYSLSSVVTVPSSSLGTQTYICNVNHKPSNTKVDKKVEPKSC
DKHHHHHH
;
H
3 'polypeptide(L)'
;MGWSCIILFLVATATGVHSDIEITQSPSSLSASVGDRVTISCRASQDIRTYVAWYQQRPGKVPRLLIYAASTLQSGVPSR
FSGRGSGTDFTLTISSLQPEDVATYYCQQYNSAPLTFGGGAKVEIKRTVAAPSVFIFPPSDEQLKSGTASVVCLLNNFYP
REAKVQWKVDNALQSGNSQESVTEQDSKDSTYSLSSTLTLSKADYEKHKVYACEVTHQGLSSPVTKSFNRGEC
;
L
4 'polypeptide(L)'
;MGWSLILLFLVAVATRVLSQVQLVQSGPEVKKPGTSVRVSCKASGFTFSTSAVQWVRQARGQRLEWIGWIAVGSGKTDYL
QKFQERVTMTRDESTNTAYMQLSSLRSEDTAVYYCAAPHCSGGTCYDGFDIWGQGTLVTVSSASTKGPSVFPLAPSSKST
SGGTAALGCLVKDYFPEPVTVSWNSGALTSGVHTFPAVLQSSGLYSLSSVVTVPSSSLGTQTYICNVNHKPSNTKVDKKV
EPKSCDKHHHHHH
;
M
5 'polypeptide(L)'
;MGWSCIILFLVATATGVHSEIVLTQSPGTLSLSPGERATLSCRASQSVRSGYFAWYQQRPGRAPRLLIYGASSRATAIPD
RFSGSGSGTDFTLTINRLEPEDFAVYYCQQYGTSPWTFGQGTKVEIKRTVAAPSVFIFPPSDEQLKSGTASVVCLLNNFY
PREAKVQWKVDNALQSGNSQESVTEQDSKDSTYSLSSTLTLSKADYEKHKVYACEVTHQGLSSPVTKSFNRGEC
;
N
#
# COMPACT_ATOMS: atom_id res chain seq x y z
N ASN A 331 -21.45 -11.10 40.04
CA ASN A 331 -21.72 -10.08 39.03
C ASN A 331 -20.42 -9.61 38.38
N LEU A 332 -19.87 -10.44 37.50
CA LEU A 332 -18.62 -10.11 36.84
C LEU A 332 -18.84 -9.06 35.77
N CYS A 333 -17.73 -8.47 35.30
CA CYS A 333 -17.77 -7.34 34.38
C CYS A 333 -17.69 -7.80 32.93
N PRO A 334 -18.18 -6.96 32.01
CA PRO A 334 -18.20 -7.32 30.58
C PRO A 334 -16.82 -7.45 29.94
N PHE A 335 -15.75 -7.38 30.74
CA PHE A 335 -14.39 -7.48 30.21
C PHE A 335 -14.21 -8.62 29.23
N GLY A 336 -14.94 -9.72 29.43
CA GLY A 336 -14.86 -10.82 28.47
C GLY A 336 -15.35 -10.41 27.09
N GLU A 337 -16.33 -9.51 27.04
CA GLU A 337 -16.85 -9.07 25.74
C GLU A 337 -16.05 -7.93 25.15
N VAL A 338 -14.99 -7.47 25.82
CA VAL A 338 -14.15 -6.41 25.27
C VAL A 338 -12.86 -7.02 24.74
N PHE A 339 -12.07 -7.63 25.62
CA PHE A 339 -10.79 -8.18 25.21
C PHE A 339 -10.96 -9.34 24.23
N ASN A 340 -11.93 -10.21 24.48
CA ASN A 340 -12.19 -11.36 23.63
C ASN A 340 -13.23 -11.06 22.56
N ALA A 341 -13.38 -9.80 22.17
CA ALA A 341 -14.32 -9.44 21.13
C ALA A 341 -13.85 -9.97 19.78
N THR A 342 -14.80 -10.18 18.87
CA THR A 342 -14.50 -10.69 17.54
C THR A 342 -13.64 -9.71 16.75
N ARG A 343 -14.17 -8.52 16.50
CA ARG A 343 -13.47 -7.49 15.75
C ARG A 343 -13.35 -6.23 16.60
N PHE A 344 -12.35 -5.42 16.29
CA PHE A 344 -12.13 -4.15 16.95
C PHE A 344 -12.33 -3.01 15.97
N ALA A 345 -12.81 -1.88 16.48
CA ALA A 345 -13.04 -0.74 15.62
C ALA A 345 -11.73 -0.12 15.17
N SER A 346 -11.79 0.58 14.05
CA SER A 346 -10.62 1.31 13.56
C SER A 346 -10.24 2.39 14.56
N VAL A 347 -8.96 2.76 14.55
CA VAL A 347 -8.46 3.69 15.56
C VAL A 347 -9.13 5.05 15.42
N TYR A 348 -9.44 5.46 14.18
CA TYR A 348 -10.11 6.73 14.00
C TYR A 348 -11.54 6.73 14.53
N ALA A 349 -12.14 5.56 14.69
CA ALA A 349 -13.50 5.41 15.22
C ALA A 349 -13.51 4.41 16.37
N TRP A 350 -12.57 4.59 17.30
CA TRP A 350 -12.37 3.64 18.37
C TRP A 350 -13.65 3.44 19.18
N ASN A 351 -13.93 2.20 19.57
CA ASN A 351 -15.13 1.90 20.31
C ASN A 351 -14.93 2.22 21.79
N ARG A 352 -15.99 2.71 22.43
CA ARG A 352 -15.97 3.01 23.85
C ARG A 352 -17.12 2.28 24.53
N LYS A 353 -16.81 1.58 25.62
CA LYS A 353 -17.83 0.88 26.40
C LYS A 353 -17.71 1.29 27.86
N ARG A 354 -18.86 1.49 28.49
CA ARG A 354 -18.94 1.93 29.88
C ARG A 354 -19.12 0.74 30.80
N ILE A 355 -18.42 0.75 31.92
CA ILE A 355 -18.49 -0.30 32.93
C ILE A 355 -18.85 0.38 34.24
N SER A 356 -19.96 -0.07 34.85
CA SER A 356 -20.41 0.48 36.12
C SER A 356 -21.34 -0.53 36.77
N ASN A 357 -21.52 -0.37 38.08
CA ASN A 357 -22.37 -1.26 38.87
C ASN A 357 -21.96 -2.73 38.65
N CYS A 358 -20.67 -2.99 38.82
CA CYS A 358 -20.13 -4.30 38.48
C CYS A 358 -18.98 -4.62 39.42
N VAL A 359 -18.70 -5.90 39.56
CA VAL A 359 -17.53 -6.38 40.29
C VAL A 359 -16.44 -6.71 39.28
N ALA A 360 -15.36 -5.96 39.32
CA ALA A 360 -14.30 -6.06 38.33
C ALA A 360 -13.18 -6.94 38.88
N ASP A 361 -12.77 -7.93 38.09
CA ASP A 361 -11.69 -8.84 38.45
C ASP A 361 -10.53 -8.56 37.51
N TYR A 362 -9.56 -7.78 37.97
CA TYR A 362 -8.38 -7.47 37.18
C TYR A 362 -7.30 -8.53 37.30
N SER A 363 -7.53 -9.57 38.11
CA SER A 363 -6.57 -10.66 38.19
C SER A 363 -6.45 -11.40 36.87
N VAL A 364 -7.59 -11.63 36.20
CA VAL A 364 -7.57 -12.35 34.94
C VAL A 364 -6.83 -11.59 33.85
N LEU A 365 -6.71 -10.27 34.00
CA LEU A 365 -5.99 -9.48 33.00
C LEU A 365 -4.48 -9.53 33.25
N TYR A 366 -4.06 -9.12 34.46
CA TYR A 366 -2.64 -9.07 34.74
C TYR A 366 -2.01 -10.45 34.74
N ASN A 367 -2.71 -11.45 35.27
CA ASN A 367 -2.20 -12.82 35.30
C ASN A 367 -2.53 -13.53 33.97
N SER A 368 -2.05 -12.93 32.89
CA SER A 368 -2.22 -13.50 31.56
C SER A 368 -1.03 -13.06 30.71
N ALA A 369 -0.36 -14.02 30.08
CA ALA A 369 0.83 -13.71 29.29
C ALA A 369 0.50 -13.30 27.87
N SER A 370 -0.77 -13.25 27.50
CA SER A 370 -1.13 -12.90 26.13
C SER A 370 -0.85 -11.43 25.83
N PHE A 371 -0.77 -10.59 26.86
CA PHE A 371 -0.64 -9.15 26.67
C PHE A 371 0.83 -8.77 26.56
N SER A 372 1.24 -8.38 25.36
CA SER A 372 2.62 -7.92 25.18
C SER A 372 2.88 -6.63 25.94
N THR A 373 1.95 -5.69 25.90
CA THR A 373 2.06 -4.42 26.60
C THR A 373 0.94 -4.31 27.61
N PHE A 374 1.30 -4.08 28.87
CA PHE A 374 0.35 -3.91 29.97
C PHE A 374 0.93 -2.81 30.86
N LYS A 375 0.54 -1.57 30.59
CA LYS A 375 1.19 -0.44 31.26
C LYS A 375 0.15 0.45 31.89
N CYS A 376 0.31 0.71 33.19
CA CYS A 376 -0.68 1.45 33.97
C CYS A 376 -0.08 2.74 34.48
N TYR A 377 -0.88 3.80 34.45
CA TYR A 377 -0.49 5.12 34.92
C TYR A 377 -1.44 5.54 36.03
N GLY A 378 -0.88 5.93 37.18
CA GLY A 378 -1.68 6.38 38.29
C GLY A 378 -2.22 5.30 39.18
N VAL A 379 -2.13 4.04 38.77
CA VAL A 379 -2.60 2.91 39.58
C VAL A 379 -1.57 1.79 39.52
N SER A 380 -1.60 0.93 40.52
CA SER A 380 -0.73 -0.22 40.39
C SER A 380 -1.52 -1.44 39.95
N PRO A 381 -0.95 -2.26 39.06
CA PRO A 381 -1.72 -3.41 38.54
C PRO A 381 -2.19 -4.37 39.63
N THR A 382 -1.37 -4.58 40.66
CA THR A 382 -1.80 -5.43 41.77
C THR A 382 -2.79 -4.71 42.68
N LYS A 383 -2.63 -3.40 42.86
CA LYS A 383 -3.50 -2.62 43.72
C LYS A 383 -4.87 -2.37 43.08
N LEU A 384 -5.03 -2.69 41.80
CA LEU A 384 -6.26 -2.33 41.09
C LEU A 384 -7.50 -2.94 41.74
N ASN A 385 -7.41 -4.21 42.15
CA ASN A 385 -8.56 -4.87 42.76
C ASN A 385 -8.95 -4.27 44.10
N ASP A 386 -8.10 -3.43 44.69
CA ASP A 386 -8.35 -2.87 46.00
C ASP A 386 -9.06 -1.52 45.95
N LEU A 387 -9.43 -1.03 44.76
CA LEU A 387 -10.02 0.29 44.63
C LEU A 387 -11.32 0.20 43.84
N CYS A 388 -12.18 1.19 44.05
CA CYS A 388 -13.46 1.29 43.36
C CYS A 388 -13.56 2.63 42.66
N PHE A 389 -14.11 2.60 41.44
CA PHE A 389 -14.31 3.80 40.63
C PHE A 389 -15.75 3.84 40.15
N THR A 390 -16.27 5.05 39.95
CA THR A 390 -17.67 5.17 39.55
C THR A 390 -17.90 4.79 38.09
N ASN A 391 -16.89 4.92 37.23
CA ASN A 391 -17.02 4.52 35.84
C ASN A 391 -15.66 4.00 35.35
N VAL A 392 -15.71 2.95 34.54
CA VAL A 392 -14.53 2.47 33.83
C VAL A 392 -14.85 2.48 32.34
N TYR A 393 -14.08 3.24 31.59
CA TYR A 393 -14.27 3.36 30.15
C TYR A 393 -13.24 2.49 29.46
N ALA A 394 -13.71 1.55 28.65
CA ALA A 394 -12.85 0.66 27.87
C ALA A 394 -12.93 1.10 26.42
N ASP A 395 -11.82 1.62 25.90
CA ASP A 395 -11.72 2.06 24.52
C ASP A 395 -10.89 1.06 23.74
N SER A 396 -11.48 0.47 22.71
CA SER A 396 -10.85 -0.59 21.94
C SER A 396 -10.60 -0.11 20.52
N PHE A 397 -9.42 -0.43 19.99
CA PHE A 397 -9.08 -0.14 18.60
C PHE A 397 -7.91 -1.01 18.18
N VAL A 398 -7.45 -0.81 16.95
CA VAL A 398 -6.36 -1.57 16.36
C VAL A 398 -5.37 -0.60 15.73
N ILE A 399 -4.09 -0.76 16.06
CA ILE A 399 -3.04 0.12 15.53
C ILE A 399 -1.85 -0.71 15.09
N ARG A 400 -0.76 -0.05 14.70
CA ARG A 400 0.45 -0.77 14.35
C ARG A 400 1.31 -1.01 15.59
N GLY A 401 2.35 -1.82 15.42
CA GLY A 401 3.28 -2.05 16.51
C GLY A 401 4.08 -0.80 16.87
N ASP A 402 4.52 -0.04 15.87
CA ASP A 402 5.30 1.15 16.14
C ASP A 402 4.47 2.25 16.79
N GLU A 403 3.15 2.22 16.62
CA GLU A 403 2.28 3.27 17.10
C GLU A 403 1.72 2.98 18.49
N VAL A 404 2.12 1.88 19.11
CA VAL A 404 1.69 1.61 20.48
C VAL A 404 2.27 2.63 21.43
N ARG A 405 3.48 3.11 21.16
CA ARG A 405 4.11 4.10 22.03
C ARG A 405 3.27 5.36 22.13
N GLN A 406 2.57 5.71 21.06
CA GLN A 406 1.75 6.91 21.05
C GLN A 406 0.55 6.79 21.98
N ILE A 407 0.20 5.59 22.41
CA ILE A 407 -0.89 5.40 23.37
C ILE A 407 -0.28 5.55 24.75
N ALA A 408 -0.14 6.80 25.18
CA ALA A 408 0.43 7.16 26.47
C ALA A 408 0.17 8.64 26.73
N PRO A 409 0.04 9.05 27.98
CA PRO A 409 -0.20 10.47 28.26
C PRO A 409 1.01 11.32 27.87
N GLY A 410 0.78 12.31 27.02
CA GLY A 410 1.84 13.19 26.61
C GLY A 410 2.69 12.64 25.48
N GLN A 411 2.04 12.20 24.40
CA GLN A 411 2.72 11.67 23.24
C GLN A 411 2.27 12.40 21.99
N THR A 412 3.13 12.40 20.98
CA THR A 412 2.86 13.09 19.73
C THR A 412 3.11 12.15 18.57
N GLY A 413 2.19 12.14 17.62
CA GLY A 413 2.27 11.28 16.46
C GLY A 413 0.97 11.32 15.70
N ASN A 414 0.87 10.45 14.71
CA ASN A 414 -0.37 10.37 13.94
C ASN A 414 -1.54 10.00 14.82
N ILE A 415 -1.40 8.92 15.60
CA ILE A 415 -2.50 8.45 16.43
C ILE A 415 -2.83 9.46 17.52
N ALA A 416 -1.80 9.99 18.18
CA ALA A 416 -2.04 10.90 19.30
C ALA A 416 -2.65 12.22 18.82
N ASP A 417 -2.22 12.71 17.66
CA ASP A 417 -2.66 14.03 17.22
C ASP A 417 -3.97 13.98 16.46
N TYR A 418 -4.25 12.90 15.74
CA TYR A 418 -5.38 12.88 14.83
C TYR A 418 -6.36 11.75 15.08
N ASN A 419 -6.00 10.73 15.86
CA ASN A 419 -6.87 9.57 16.02
C ASN A 419 -7.33 9.35 17.46
N TYR A 420 -6.41 9.34 18.42
CA TYR A 420 -6.76 9.02 19.80
C TYR A 420 -5.78 9.73 20.73
N LYS A 421 -6.26 10.73 21.43
CA LYS A 421 -5.43 11.56 22.31
C LYS A 421 -5.79 11.24 23.76
N LEU A 422 -4.78 10.95 24.56
CA LEU A 422 -4.97 10.70 25.98
C LEU A 422 -4.63 11.94 26.79
N PRO A 423 -5.37 12.23 27.84
CA PRO A 423 -5.05 13.39 28.68
C PRO A 423 -3.74 13.17 29.41
N ASP A 424 -3.08 14.29 29.71
CA ASP A 424 -1.80 14.21 30.43
C ASP A 424 -1.99 13.65 31.83
N ASP A 425 -3.07 14.03 32.50
CA ASP A 425 -3.40 13.49 33.82
C ASP A 425 -4.15 12.16 33.70
N PHE A 426 -3.59 11.24 32.95
CA PHE A 426 -4.25 9.97 32.71
C PHE A 426 -4.14 9.07 33.94
N THR A 427 -5.27 8.46 34.32
CA THR A 427 -5.34 7.53 35.45
C THR A 427 -6.02 6.27 34.93
N GLY A 428 -5.22 5.33 34.45
CA GLY A 428 -5.78 4.12 33.88
C GLY A 428 -4.69 3.25 33.29
N CYS A 429 -5.11 2.17 32.65
CA CYS A 429 -4.20 1.18 32.10
C CYS A 429 -4.37 1.08 30.60
N VAL A 430 -3.32 0.60 29.93
CA VAL A 430 -3.30 0.37 28.50
C VAL A 430 -2.83 -1.06 28.27
N ILE A 431 -3.62 -1.84 27.54
CA ILE A 431 -3.33 -3.24 27.27
C ILE A 431 -3.32 -3.43 25.77
N ALA A 432 -2.17 -3.81 25.22
CA ALA A 432 -2.03 -4.01 23.79
C ALA A 432 -1.38 -5.35 23.54
N TRP A 433 -1.97 -6.13 22.64
CA TRP A 433 -1.39 -7.43 22.30
C TRP A 433 -1.40 -7.62 20.79
N ASN A 434 -0.40 -8.33 20.30
CA ASN A 434 -0.27 -8.58 18.87
C ASN A 434 -1.42 -9.47 18.40
N SER A 435 -2.10 -9.05 17.36
CA SER A 435 -3.22 -9.79 16.79
C SER A 435 -3.01 -10.02 15.30
N ASN A 436 -1.80 -10.44 14.92
CA ASN A 436 -1.54 -10.73 13.52
C ASN A 436 -2.41 -11.85 12.99
N ASN A 437 -2.63 -12.90 13.78
CA ASN A 437 -3.39 -14.03 13.28
C ASN A 437 -4.89 -13.81 13.35
N LEU A 438 -5.33 -12.64 13.82
CA LEU A 438 -6.73 -12.23 13.69
C LEU A 438 -6.93 -11.17 12.62
N ASP A 439 -6.26 -10.03 12.74
CA ASP A 439 -6.61 -8.84 11.99
C ASP A 439 -5.79 -8.64 10.72
N SER A 440 -4.77 -9.46 10.48
CA SER A 440 -4.00 -9.37 9.25
C SER A 440 -4.42 -10.48 8.31
N LYS A 441 -4.63 -10.13 7.05
CA LYS A 441 -5.11 -11.09 6.07
C LYS A 441 -4.31 -10.97 4.78
N VAL A 442 -4.30 -12.06 4.01
CA VAL A 442 -3.46 -12.14 2.84
C VAL A 442 -3.86 -11.07 1.83
N GLY A 443 -2.87 -10.37 1.30
CA GLY A 443 -3.10 -9.32 0.34
C GLY A 443 -3.45 -7.97 0.95
N GLY A 444 -3.55 -7.89 2.27
CA GLY A 444 -3.85 -6.64 2.91
C GLY A 444 -5.25 -6.58 3.51
N ASN A 445 -5.33 -6.21 4.79
CA ASN A 445 -6.61 -5.99 5.45
C ASN A 445 -6.92 -4.50 5.36
N TYR A 446 -7.96 -4.16 4.60
CA TYR A 446 -8.34 -2.77 4.39
C TYR A 446 -9.55 -2.36 5.20
N ASN A 447 -9.95 -3.17 6.19
CA ASN A 447 -11.07 -2.79 7.04
C ASN A 447 -10.63 -1.81 8.13
N TYR A 448 -9.34 -1.68 8.37
CA TYR A 448 -8.82 -0.83 9.43
C TYR A 448 -8.23 0.44 8.84
N LEU A 449 -8.71 1.59 9.29
CA LEU A 449 -8.32 2.88 8.75
C LEU A 449 -7.85 3.78 9.88
N TYR A 450 -7.03 4.76 9.53
CA TYR A 450 -6.62 5.78 10.48
C TYR A 450 -6.59 7.13 9.78
N ARG A 451 -6.85 8.18 10.55
CA ARG A 451 -6.91 9.53 10.01
C ARG A 451 -5.50 10.06 9.78
N LEU A 452 -5.30 10.67 8.62
CA LEU A 452 -4.01 11.25 8.24
C LEU A 452 -3.86 12.71 8.64
N PHE A 453 -4.90 13.50 8.44
CA PHE A 453 -4.80 14.94 8.60
C PHE A 453 -5.97 15.46 9.43
N ARG A 454 -5.72 16.60 10.08
CA ARG A 454 -6.75 17.35 10.76
C ARG A 454 -6.23 18.76 11.01
N LYS A 455 -7.15 19.73 10.98
CA LYS A 455 -6.73 21.11 11.17
C LYS A 455 -6.12 21.32 12.55
N SER A 456 -6.72 20.72 13.57
CA SER A 456 -6.25 20.86 14.94
C SER A 456 -6.20 19.50 15.60
N ASN A 457 -5.33 19.38 16.60
CA ASN A 457 -5.20 18.13 17.32
C ASN A 457 -6.47 17.83 18.12
N LEU A 458 -6.65 16.57 18.47
CA LEU A 458 -7.83 16.12 19.17
C LEU A 458 -7.76 16.48 20.64
N LYS A 459 -8.88 16.91 21.19
CA LYS A 459 -9.00 17.01 22.64
C LYS A 459 -8.96 15.61 23.24
N PRO A 460 -8.45 15.47 24.46
CA PRO A 460 -8.33 14.14 25.06
C PRO A 460 -9.69 13.44 25.13
N PHE A 461 -9.68 12.14 24.84
CA PHE A 461 -10.89 11.31 24.86
C PHE A 461 -11.98 11.87 23.95
N GLU A 462 -11.58 12.49 22.84
CA GLU A 462 -12.52 13.02 21.86
C GLU A 462 -12.18 12.44 20.50
N ARG A 463 -13.21 12.08 19.73
CA ARG A 463 -13.01 11.49 18.42
C ARG A 463 -14.01 12.07 17.44
N ASP A 464 -13.62 12.10 16.17
CA ASP A 464 -14.50 12.51 15.08
C ASP A 464 -14.46 11.46 13.98
N ILE A 465 -15.64 10.99 13.59
CA ILE A 465 -15.76 10.02 12.52
C ILE A 465 -16.03 10.70 11.18
N SER A 466 -15.72 11.99 11.07
CA SER A 466 -16.01 12.73 9.85
C SER A 466 -15.15 12.22 8.70
N THR A 467 -15.78 12.07 7.53
CA THR A 467 -15.11 11.58 6.34
C THR A 467 -15.04 12.66 5.26
N GLU A 468 -15.23 13.92 5.64
CA GLU A 468 -15.19 15.00 4.66
C GLU A 468 -13.78 15.18 4.11
N ILE A 469 -13.69 15.55 2.84
CA ILE A 469 -12.42 15.64 2.15
C ILE A 469 -11.57 16.73 2.80
N TYR A 470 -10.43 16.32 3.35
CA TYR A 470 -9.59 17.25 4.09
C TYR A 470 -9.14 18.42 3.21
N GLN A 471 -9.21 19.61 3.77
CA GLN A 471 -8.79 20.84 3.09
C GLN A 471 -7.41 21.21 3.61
N ALA A 472 -6.41 21.19 2.73
CA ALA A 472 -5.04 21.42 3.23
C ALA A 472 -4.62 22.83 2.94
N GLY A 473 -5.17 23.40 1.89
CA GLY A 473 -4.70 24.73 1.50
C GLY A 473 -5.85 25.69 1.52
N SER A 474 -5.70 26.81 0.82
CA SER A 474 -6.77 27.81 0.89
C SER A 474 -7.88 27.48 -0.11
N THR A 475 -7.54 27.15 -1.36
CA THR A 475 -8.59 26.94 -2.39
C THR A 475 -9.63 25.93 -1.92
N PRO A 476 -10.93 26.28 -1.96
CA PRO A 476 -11.98 25.37 -1.54
C PRO A 476 -11.89 24.08 -2.35
N CYS A 477 -12.12 22.95 -1.70
CA CYS A 477 -12.03 21.65 -2.39
C CYS A 477 -13.27 21.45 -3.24
N ASN A 478 -14.44 21.80 -2.71
CA ASN A 478 -15.73 21.62 -3.43
C ASN A 478 -16.00 20.13 -3.64
N GLY A 479 -15.28 19.27 -2.93
CA GLY A 479 -15.52 17.82 -3.04
C GLY A 479 -14.80 17.22 -4.22
N VAL A 480 -13.68 17.80 -4.62
CA VAL A 480 -12.89 17.18 -5.71
C VAL A 480 -11.53 16.77 -5.16
N LYS A 481 -11.34 15.47 -4.95
CA LYS A 481 -10.05 14.98 -4.44
C LYS A 481 -8.97 15.37 -5.43
N GLY A 482 -7.76 15.57 -4.94
CA GLY A 482 -6.66 16.03 -5.76
C GLY A 482 -5.63 16.76 -4.91
N PHE A 483 -4.99 17.75 -5.52
CA PHE A 483 -3.99 18.53 -4.82
C PHE A 483 -4.63 19.30 -3.67
N ASN A 484 -4.05 19.16 -2.48
CA ASN A 484 -4.49 19.88 -1.28
C ASN A 484 -5.94 19.58 -0.94
N CYS A 485 -6.43 18.44 -1.42
CA CYS A 485 -7.80 18.02 -1.16
C CYS A 485 -7.82 16.55 -0.77
N TYR A 486 -6.99 16.20 0.20
CA TYR A 486 -6.65 14.80 0.43
C TYR A 486 -7.77 14.10 1.17
N PHE A 487 -7.95 12.82 0.88
CA PHE A 487 -8.87 12.01 1.67
C PHE A 487 -8.27 11.82 3.06
N PRO A 488 -9.03 12.05 4.13
CA PRO A 488 -8.45 12.05 5.47
C PRO A 488 -8.12 10.68 6.01
N LEU A 489 -8.66 9.61 5.46
CA LEU A 489 -8.51 8.27 6.02
C LEU A 489 -7.63 7.42 5.12
N GLN A 490 -6.68 6.71 5.74
CA GLN A 490 -5.79 5.81 5.03
C GLN A 490 -5.87 4.43 5.67
N SER A 491 -5.90 3.40 4.82
CA SER A 491 -5.98 2.03 5.29
C SER A 491 -4.63 1.53 5.76
N TYR A 492 -4.64 0.75 6.84
CA TYR A 492 -3.41 0.14 7.32
C TYR A 492 -2.87 -0.88 6.35
N GLY A 493 -3.76 -1.62 5.69
CA GLY A 493 -3.33 -2.64 4.76
C GLY A 493 -2.55 -3.76 5.41
N PHE A 494 -3.07 -4.27 6.53
CA PHE A 494 -2.35 -5.27 7.31
C PHE A 494 -2.12 -6.53 6.48
N GLN A 495 -0.89 -7.02 6.52
CA GLN A 495 -0.50 -8.25 5.86
C GLN A 495 0.18 -9.15 6.88
N PRO A 496 0.00 -10.47 6.77
CA PRO A 496 0.60 -11.37 7.76
C PRO A 496 2.10 -11.51 7.63
N THR A 497 2.69 -11.09 6.52
CA THR A 497 4.12 -11.19 6.32
C THR A 497 4.85 -9.91 6.68
N TYR A 498 4.16 -8.90 7.20
CA TYR A 498 4.82 -7.67 7.61
C TYR A 498 5.74 -7.92 8.79
N GLY A 499 6.66 -6.99 9.00
CA GLY A 499 7.49 -7.02 10.18
C GLY A 499 6.68 -6.76 11.43
N VAL A 500 7.30 -7.06 12.58
CA VAL A 500 6.61 -6.90 13.85
C VAL A 500 6.16 -5.47 14.05
N GLY A 501 6.91 -4.51 13.49
CA GLY A 501 6.52 -3.12 13.64
C GLY A 501 5.18 -2.80 13.00
N TYR A 502 4.94 -3.32 11.80
CA TYR A 502 3.71 -3.00 11.09
C TYR A 502 2.59 -4.00 11.35
N GLN A 503 2.86 -5.07 12.09
CA GLN A 503 1.83 -6.04 12.38
C GLN A 503 0.77 -5.43 13.28
N PRO A 504 -0.49 -5.76 13.10
CA PRO A 504 -1.55 -5.14 13.90
C PRO A 504 -1.45 -5.50 15.37
N TYR A 505 -1.80 -4.54 16.22
CA TYR A 505 -1.87 -4.73 17.66
C TYR A 505 -3.23 -4.24 18.11
N ARG A 506 -3.94 -5.09 18.86
CA ARG A 506 -5.22 -4.72 19.43
C ARG A 506 -4.99 -4.04 20.76
N VAL A 507 -5.59 -2.87 20.95
CA VAL A 507 -5.35 -2.02 22.11
C VAL A 507 -6.66 -1.76 22.81
N VAL A 508 -6.66 -1.94 24.13
CA VAL A 508 -7.78 -1.62 25.00
C VAL A 508 -7.26 -0.67 26.08
N VAL A 509 -7.88 0.49 26.20
CA VAL A 509 -7.48 1.50 27.17
C VAL A 509 -8.58 1.59 28.21
N LEU A 510 -8.23 1.29 29.46
CA LEU A 510 -9.15 1.40 30.58
C LEU A 510 -8.87 2.70 31.30
N SER A 511 -9.87 3.58 31.34
CA SER A 511 -9.78 4.84 32.07
C SER A 511 -10.73 4.80 33.25
N PHE A 512 -10.25 5.20 34.42
CA PHE A 512 -11.02 5.13 35.64
C PHE A 512 -11.44 6.51 36.09
N GLU A 513 -12.71 6.66 36.47
CA GLU A 513 -13.17 7.91 37.03
C GLU A 513 -14.16 7.64 38.14
N VAL B 21 -9.33 -29.00 9.86
CA VAL B 21 -10.55 -28.73 9.10
C VAL B 21 -10.60 -29.59 7.86
N GLN B 22 -11.77 -30.17 7.58
CA GLN B 22 -11.97 -30.96 6.38
C GLN B 22 -12.69 -30.14 5.31
N LEU B 23 -12.39 -30.45 4.06
CA LEU B 23 -12.92 -29.71 2.91
C LEU B 23 -13.42 -30.75 1.90
N VAL B 24 -14.72 -30.76 1.66
CA VAL B 24 -15.31 -31.62 0.64
C VAL B 24 -15.90 -30.74 -0.46
N GLN B 25 -15.71 -31.15 -1.71
CA GLN B 25 -16.08 -30.34 -2.85
C GLN B 25 -17.27 -30.96 -3.57
N SER B 26 -17.64 -30.37 -4.71
CA SER B 26 -18.89 -30.73 -5.38
C SER B 26 -18.76 -32.04 -6.16
N GLY B 27 -17.93 -32.06 -7.17
CA GLY B 27 -17.78 -33.25 -7.99
C GLY B 27 -17.39 -32.88 -9.40
N ALA B 28 -17.22 -33.93 -10.22
CA ALA B 28 -16.76 -33.73 -11.59
C ALA B 28 -17.82 -33.01 -12.41
N GLU B 29 -17.36 -32.12 -13.29
CA GLU B 29 -18.25 -31.31 -14.11
C GLU B 29 -17.86 -31.44 -15.57
N VAL B 30 -18.88 -31.57 -16.43
CA VAL B 30 -18.72 -31.59 -17.88
C VAL B 30 -19.62 -30.50 -18.44
N LYS B 31 -19.03 -29.53 -19.13
CA LYS B 31 -19.76 -28.38 -19.65
C LYS B 31 -19.32 -28.11 -21.08
N LYS B 32 -19.88 -27.05 -21.66
CA LYS B 32 -19.54 -26.54 -22.97
C LYS B 32 -18.80 -25.22 -22.84
N PRO B 33 -18.05 -24.81 -23.86
CA PRO B 33 -17.23 -23.59 -23.71
C PRO B 33 -18.01 -22.35 -23.33
N GLY B 34 -19.23 -22.18 -23.84
CA GLY B 34 -20.01 -21.01 -23.49
C GLY B 34 -20.72 -21.11 -22.15
N GLU B 35 -20.78 -22.30 -21.56
CA GLU B 35 -21.53 -22.52 -20.33
C GLU B 35 -20.84 -21.82 -19.15
N SER B 36 -21.65 -21.45 -18.17
CA SER B 36 -21.16 -20.96 -16.88
C SER B 36 -21.27 -22.05 -15.83
N LEU B 37 -20.46 -21.93 -14.78
CA LEU B 37 -20.30 -23.03 -13.84
C LEU B 37 -20.28 -22.51 -12.40
N LYS B 38 -20.67 -23.38 -11.48
CA LYS B 38 -20.58 -23.12 -10.05
C LYS B 38 -19.91 -24.32 -9.39
N ILE B 39 -18.88 -24.07 -8.58
CA ILE B 39 -18.11 -25.11 -7.93
C ILE B 39 -18.17 -24.87 -6.43
N SER B 40 -18.48 -25.91 -5.67
CA SER B 40 -18.75 -25.79 -4.25
C SER B 40 -17.66 -26.44 -3.41
N CYS B 41 -17.48 -25.92 -2.20
CA CYS B 41 -16.56 -26.46 -1.21
C CYS B 41 -17.13 -26.22 0.17
N GLN B 42 -17.14 -27.26 1.00
CA GLN B 42 -17.73 -27.19 2.34
C GLN B 42 -16.63 -27.00 3.38
N PHE B 43 -17.00 -26.40 4.52
CA PHE B 43 -16.05 -26.16 5.60
C PHE B 43 -16.43 -27.01 6.80
N SER B 44 -15.43 -27.34 7.61
CA SER B 44 -15.67 -28.01 8.87
C SER B 44 -15.61 -26.99 10.02
N GLU B 45 -16.60 -26.11 10.04
CA GLU B 45 -16.93 -25.32 11.24
C GLU B 45 -15.71 -24.55 11.76
N TYR B 46 -15.31 -23.54 11.00
CA TYR B 46 -14.15 -22.75 11.39
C TYR B 46 -14.46 -22.00 12.69
N LYS B 47 -13.40 -21.60 13.40
CA LYS B 47 -13.54 -20.87 14.64
C LYS B 47 -13.00 -19.45 14.58
N LEU B 48 -11.98 -19.17 13.77
CA LEU B 48 -11.32 -17.88 13.73
C LEU B 48 -11.86 -17.07 12.56
N ILE B 49 -11.81 -15.74 12.70
CA ILE B 49 -12.22 -14.86 11.61
C ILE B 49 -11.21 -14.91 10.48
N SER B 50 -9.93 -15.11 10.82
CA SER B 50 -8.88 -15.21 9.82
C SER B 50 -8.84 -16.62 9.23
N PHE B 51 -10.01 -17.07 8.79
CA PHE B 51 -10.19 -18.37 8.16
C PHE B 51 -10.39 -18.14 6.67
N TRP B 52 -9.32 -18.26 5.91
CA TRP B 52 -9.36 -18.02 4.48
C TRP B 52 -9.48 -19.34 3.72
N ILE B 53 -10.08 -19.25 2.54
CA ILE B 53 -10.19 -20.35 1.59
C ILE B 53 -9.58 -19.88 0.28
N ALA B 54 -8.58 -20.63 -0.19
CA ALA B 54 -7.95 -20.34 -1.46
C ALA B 54 -8.38 -21.38 -2.48
N TRP B 55 -8.48 -20.95 -3.73
CA TRP B 55 -8.78 -21.85 -4.83
C TRP B 55 -7.56 -21.92 -5.73
N VAL B 56 -7.06 -23.13 -5.96
CA VAL B 56 -5.91 -23.30 -6.84
C VAL B 56 -6.30 -24.18 -8.00
N ARG B 57 -5.64 -23.96 -9.14
CA ARG B 57 -5.98 -24.63 -10.39
C ARG B 57 -4.76 -25.36 -10.91
N GLN B 58 -4.97 -26.60 -11.36
CA GLN B 58 -3.91 -27.40 -11.97
C GLN B 58 -4.42 -27.92 -13.31
N ARG B 59 -3.99 -27.28 -14.38
CA ARG B 59 -4.31 -27.79 -15.71
C ARG B 59 -3.51 -29.07 -15.96
N PRO B 60 -4.02 -29.98 -16.80
CA PRO B 60 -3.38 -31.29 -16.96
C PRO B 60 -1.92 -31.18 -17.35
N GLY B 61 -1.06 -31.77 -16.54
CA GLY B 61 0.38 -31.69 -16.76
C GLY B 61 1.03 -30.46 -16.17
N LYS B 62 0.37 -29.30 -16.28
CA LYS B 62 0.93 -28.08 -15.76
C LYS B 62 0.85 -28.05 -14.24
N GLY B 63 1.61 -27.13 -13.64
CA GLY B 63 1.71 -27.05 -12.21
C GLY B 63 0.57 -26.28 -11.57
N LEU B 64 0.63 -26.21 -10.25
CA LEU B 64 -0.40 -25.52 -9.50
C LEU B 64 -0.34 -24.02 -9.74
N GLU B 65 -1.50 -23.38 -9.74
CA GLU B 65 -1.62 -21.94 -9.86
C GLU B 65 -2.60 -21.43 -8.82
N TRP B 66 -2.27 -20.31 -8.19
CA TRP B 66 -3.09 -19.75 -7.13
C TRP B 66 -4.06 -18.74 -7.72
N MET B 67 -5.35 -19.10 -7.75
CA MET B 67 -6.33 -18.23 -8.38
C MET B 67 -6.74 -17.09 -7.47
N GLY B 68 -7.35 -17.40 -6.33
CA GLY B 68 -7.83 -16.35 -5.45
C GLY B 68 -8.06 -16.87 -4.06
N ILE B 69 -8.32 -15.93 -3.15
CA ILE B 69 -8.54 -16.22 -1.75
C ILE B 69 -9.79 -15.46 -1.30
N ILE B 70 -10.48 -16.03 -0.33
CA ILE B 70 -11.68 -15.39 0.23
C ILE B 70 -11.71 -15.63 1.73
N TYR B 71 -12.15 -14.62 2.47
CA TYR B 71 -12.37 -14.74 3.90
C TYR B 71 -13.88 -14.73 4.13
N PRO B 72 -14.49 -15.88 4.39
CA PRO B 72 -15.95 -15.94 4.50
C PRO B 72 -16.53 -15.13 5.65
N ASP B 73 -15.82 -15.03 6.77
CA ASP B 73 -16.41 -14.39 7.95
C ASP B 73 -16.76 -12.94 7.67
N ASP B 74 -15.85 -12.21 7.01
CA ASP B 74 -16.17 -10.90 6.46
C ASP B 74 -16.34 -10.91 4.95
N SER B 75 -16.18 -12.07 4.31
CA SER B 75 -16.38 -12.22 2.87
C SER B 75 -15.50 -11.24 2.08
N ASP B 76 -14.23 -11.18 2.42
CA ASP B 76 -13.27 -10.32 1.72
C ASP B 76 -12.49 -11.16 0.73
N THR B 77 -12.52 -10.77 -0.54
CA THR B 77 -11.98 -11.59 -1.61
C THR B 77 -10.82 -10.87 -2.30
N LYS B 78 -9.75 -11.61 -2.53
CA LYS B 78 -8.59 -11.13 -3.29
C LYS B 78 -8.35 -12.08 -4.45
N TYR B 79 -7.96 -11.54 -5.59
CA TYR B 79 -7.72 -12.34 -6.78
C TYR B 79 -6.30 -12.16 -7.28
N SER B 80 -5.77 -13.20 -7.89
CA SER B 80 -4.53 -13.06 -8.63
C SER B 80 -4.79 -12.27 -9.91
N PRO B 81 -3.77 -11.59 -10.45
CA PRO B 81 -4.00 -10.78 -11.65
C PRO B 81 -4.50 -11.60 -12.83
N SER B 82 -4.04 -12.85 -12.94
CA SER B 82 -4.46 -13.69 -14.06
C SER B 82 -5.96 -13.93 -14.05
N SER B 83 -6.52 -14.19 -12.88
CA SER B 83 -7.93 -14.55 -12.74
C SER B 83 -8.77 -13.45 -12.12
N GLN B 84 -8.38 -12.18 -12.29
CA GLN B 84 -9.16 -11.09 -11.73
C GLN B 84 -10.54 -11.01 -12.38
N GLY B 85 -10.58 -10.73 -13.68
CA GLY B 85 -11.84 -10.55 -14.36
C GLY B 85 -12.48 -11.79 -14.93
N GLN B 86 -11.86 -12.95 -14.75
CA GLN B 86 -12.37 -14.18 -15.37
C GLN B 86 -13.32 -14.93 -14.45
N VAL B 87 -12.96 -15.07 -13.18
CA VAL B 87 -13.74 -15.87 -12.24
C VAL B 87 -14.24 -14.98 -11.11
N THR B 88 -15.08 -15.55 -10.26
CA THR B 88 -15.53 -14.88 -9.05
C THR B 88 -15.49 -15.89 -7.91
N ILE B 89 -15.27 -15.43 -6.70
CA ILE B 89 -15.21 -16.30 -5.54
C ILE B 89 -16.18 -15.77 -4.49
N SER B 90 -17.13 -16.60 -4.09
CA SER B 90 -18.12 -16.23 -3.09
C SER B 90 -18.06 -17.22 -1.94
N ALA B 91 -18.73 -16.87 -0.84
CA ALA B 91 -18.74 -17.74 0.33
C ALA B 91 -20.00 -17.46 1.13
N ASP B 92 -20.91 -18.44 1.17
CA ASP B 92 -22.09 -18.36 2.00
C ASP B 92 -21.75 -18.93 3.37
N LYS B 93 -21.69 -18.05 4.37
CA LYS B 93 -21.33 -18.44 5.72
C LYS B 93 -22.42 -19.28 6.38
N SER B 94 -23.69 -18.98 6.09
CA SER B 94 -24.79 -19.65 6.78
C SER B 94 -24.77 -21.15 6.53
N ILE B 95 -24.68 -21.56 5.26
CA ILE B 95 -24.55 -22.97 4.94
C ILE B 95 -23.10 -23.41 4.90
N ARG B 96 -22.17 -22.49 5.16
CA ARG B 96 -20.77 -22.84 5.38
C ARG B 96 -20.15 -23.46 4.13
N THR B 97 -20.32 -22.81 2.98
CA THR B 97 -19.74 -23.28 1.73
C THR B 97 -19.22 -22.12 0.90
N ALA B 98 -18.04 -22.29 0.32
CA ALA B 98 -17.49 -21.36 -0.65
C ALA B 98 -17.74 -21.87 -2.06
N TYR B 99 -17.75 -20.94 -3.01
CA TYR B 99 -18.00 -21.25 -4.40
C TYR B 99 -17.03 -20.51 -5.30
N LEU B 100 -16.54 -21.24 -6.30
CA LEU B 100 -15.89 -20.66 -7.46
C LEU B 100 -16.94 -20.53 -8.55
N GLN B 101 -17.24 -19.29 -8.95
CA GLN B 101 -18.24 -19.01 -9.98
C GLN B 101 -17.50 -18.69 -11.27
N TRP B 102 -17.83 -19.44 -12.31
CA TRP B 102 -17.25 -19.28 -13.64
C TRP B 102 -18.29 -18.66 -14.55
N SER B 103 -17.91 -17.58 -15.23
CA SER B 103 -18.71 -17.02 -16.30
C SER B 103 -18.52 -17.89 -17.54
N SER B 104 -18.85 -17.37 -18.71
CA SER B 104 -18.62 -18.11 -19.95
C SER B 104 -17.22 -18.71 -19.96
N LEU B 105 -17.16 -20.04 -19.96
CA LEU B 105 -15.92 -20.77 -19.78
C LEU B 105 -15.03 -20.66 -21.02
N MET B 106 -13.90 -21.36 -20.96
CA MET B 106 -13.02 -21.50 -22.11
C MET B 106 -12.48 -22.92 -22.12
N ALA B 107 -11.96 -23.33 -23.28
CA ALA B 107 -11.30 -24.62 -23.36
C ALA B 107 -10.04 -24.67 -22.50
N SER B 108 -9.51 -23.52 -22.11
CA SER B 108 -8.33 -23.44 -21.27
C SER B 108 -8.64 -23.62 -19.78
N ASP B 109 -9.87 -24.01 -19.44
CA ASP B 109 -10.26 -24.20 -18.05
C ASP B 109 -10.54 -25.66 -17.72
N THR B 110 -10.11 -26.59 -18.57
CA THR B 110 -10.24 -28.02 -18.29
C THR B 110 -9.14 -28.42 -17.31
N ALA B 111 -9.34 -28.07 -16.05
CA ALA B 111 -8.33 -28.25 -15.03
C ALA B 111 -8.92 -28.94 -13.80
N MET B 112 -8.04 -29.23 -12.85
CA MET B 112 -8.43 -29.74 -11.55
C MET B 112 -8.38 -28.60 -10.54
N TYR B 113 -9.48 -28.37 -9.85
CA TYR B 113 -9.60 -27.24 -8.93
C TYR B 113 -9.60 -27.75 -7.50
N TYR B 114 -8.74 -27.16 -6.68
CA TYR B 114 -8.58 -27.55 -5.28
C TYR B 114 -9.01 -26.41 -4.39
N CYS B 115 -9.85 -26.72 -3.41
CA CYS B 115 -10.26 -25.80 -2.37
C CYS B 115 -9.39 -26.06 -1.15
N THR B 116 -8.64 -25.04 -0.71
CA THR B 116 -7.62 -25.22 0.30
C THR B 116 -7.82 -24.22 1.43
N SER B 117 -7.36 -24.60 2.61
CA SER B 117 -7.35 -23.72 3.76
C SER B 117 -6.09 -24.01 4.56
N GLY B 118 -5.64 -23.04 5.32
CA GLY B 118 -4.43 -23.19 6.10
C GLY B 118 -4.21 -22.10 7.11
N SER B 119 -2.94 -21.86 7.41
CA SER B 119 -2.55 -20.90 8.42
C SER B 119 -2.86 -19.49 7.97
N TYR B 120 -2.87 -18.56 8.92
CA TYR B 120 -3.12 -17.17 8.60
C TYR B 120 -2.03 -16.57 7.73
N TYR B 121 -0.86 -17.21 7.69
CA TYR B 121 0.21 -16.73 6.81
C TYR B 121 -0.12 -16.92 5.35
N GLY B 122 -1.11 -17.74 5.03
CA GLY B 122 -1.47 -18.04 3.67
C GLY B 122 -0.98 -19.36 3.13
N THR B 123 -0.29 -20.15 3.94
CA THR B 123 0.19 -21.44 3.50
C THR B 123 -0.95 -22.45 3.45
N LEU B 124 -0.89 -23.37 2.50
CA LEU B 124 -2.03 -24.23 2.19
C LEU B 124 -1.86 -25.58 2.89
N ASP B 125 -2.20 -25.60 4.18
CA ASP B 125 -2.03 -26.82 4.96
C ASP B 125 -3.08 -27.88 4.62
N PHE B 126 -4.33 -27.46 4.49
CA PHE B 126 -5.44 -28.39 4.32
C PHE B 126 -5.99 -28.34 2.91
N TRP B 127 -6.15 -29.51 2.30
CA TRP B 127 -6.57 -29.64 0.92
C TRP B 127 -7.80 -30.54 0.83
N GLY B 128 -8.77 -30.12 0.02
CA GLY B 128 -9.86 -31.00 -0.32
C GLY B 128 -9.55 -31.79 -1.58
N GLN B 129 -10.40 -32.77 -1.86
CA GLN B 129 -10.22 -33.52 -3.09
C GLN B 129 -10.49 -32.60 -4.29
N GLY B 130 -10.00 -33.01 -5.45
CA GLY B 130 -10.06 -32.17 -6.62
C GLY B 130 -11.40 -32.24 -7.33
N THR B 131 -11.84 -31.09 -7.85
CA THR B 131 -12.99 -31.02 -8.73
C THR B 131 -12.47 -31.00 -10.16
N LEU B 132 -12.88 -31.98 -10.95
CA LEU B 132 -12.40 -32.14 -12.32
C LEU B 132 -13.39 -31.48 -13.27
N VAL B 133 -12.96 -30.40 -13.91
CA VAL B 133 -13.79 -29.64 -14.83
C VAL B 133 -13.32 -29.94 -16.25
N THR B 134 -14.26 -30.29 -17.12
CA THR B 134 -13.97 -30.57 -18.52
C THR B 134 -14.97 -29.84 -19.38
N VAL B 135 -14.49 -29.13 -20.40
CA VAL B 135 -15.35 -28.43 -21.35
C VAL B 135 -14.99 -28.86 -22.76
N SER B 136 -15.99 -28.99 -23.61
CA SER B 136 -15.78 -29.43 -24.98
C SER B 136 -16.53 -28.56 -25.98
N ASP C 20 4.35 -8.80 -9.71
CA ASP C 20 4.29 -10.06 -8.99
C ASP C 20 5.69 -10.53 -8.58
N ILE C 21 5.75 -11.72 -8.01
CA ILE C 21 7.01 -12.34 -7.63
C ILE C 21 7.15 -13.63 -8.43
N GLU C 22 8.25 -13.77 -9.15
CA GLU C 22 8.47 -14.92 -10.02
C GLU C 22 9.36 -15.93 -9.32
N ILE C 23 8.94 -17.20 -9.36
CA ILE C 23 9.69 -18.29 -8.76
C ILE C 23 10.19 -19.19 -9.89
N THR C 24 11.50 -19.45 -9.89
CA THR C 24 12.11 -20.34 -10.87
C THR C 24 12.76 -21.50 -10.13
N GLN C 25 12.42 -22.72 -10.53
CA GLN C 25 12.83 -23.89 -9.77
C GLN C 25 14.02 -24.60 -10.41
N SER C 26 14.38 -25.73 -9.82
CA SER C 26 15.43 -26.66 -10.21
C SER C 26 15.06 -27.29 -11.55
N PRO C 27 15.89 -28.18 -12.13
CA PRO C 27 15.46 -28.87 -13.34
C PRO C 27 14.14 -29.60 -13.12
N SER C 28 13.32 -29.61 -14.17
CA SER C 28 11.98 -30.17 -14.03
C SER C 28 12.02 -31.66 -13.67
N SER C 29 13.05 -32.38 -14.11
CA SER C 29 13.15 -33.81 -13.89
C SER C 29 14.41 -34.14 -13.11
N LEU C 30 14.25 -34.91 -12.04
CA LEU C 30 15.37 -35.41 -11.26
C LEU C 30 15.23 -36.92 -11.14
N SER C 31 16.33 -37.63 -11.32
CA SER C 31 16.34 -39.08 -11.14
C SER C 31 17.48 -39.44 -10.19
N ALA C 32 17.18 -40.27 -9.20
CA ALA C 32 18.16 -40.71 -8.23
C ALA C 32 17.81 -42.12 -7.80
N SER C 33 18.80 -42.82 -7.25
CA SER C 33 18.59 -44.18 -6.78
C SER C 33 17.95 -44.17 -5.40
N VAL C 34 17.48 -45.33 -4.97
CA VAL C 34 16.95 -45.46 -3.63
C VAL C 34 18.07 -45.28 -2.63
N GLY C 35 17.85 -44.43 -1.64
CA GLY C 35 18.88 -44.12 -0.66
C GLY C 35 19.76 -42.95 -1.00
N ASP C 36 19.63 -42.37 -2.19
CA ASP C 36 20.42 -41.22 -2.59
C ASP C 36 19.88 -39.95 -1.96
N ARG C 37 20.70 -38.91 -1.96
CA ARG C 37 20.34 -37.61 -1.42
C ARG C 37 20.01 -36.66 -2.56
N VAL C 38 18.86 -36.00 -2.47
CA VAL C 38 18.31 -35.22 -3.57
C VAL C 38 18.13 -33.78 -3.15
N THR C 39 18.49 -32.86 -4.03
CA THR C 39 18.36 -31.43 -3.76
C THR C 39 17.48 -30.79 -4.83
N ILE C 40 16.57 -29.91 -4.41
CA ILE C 40 15.66 -29.20 -5.29
C ILE C 40 15.64 -27.76 -4.85
N SER C 41 16.16 -26.86 -5.68
CA SER C 41 16.32 -25.46 -5.31
C SER C 41 15.44 -24.58 -6.17
N CYS C 42 14.90 -23.52 -5.57
CA CYS C 42 14.18 -22.52 -6.34
C CYS C 42 14.50 -21.12 -5.82
N ARG C 43 14.45 -20.15 -6.74
CA ARG C 43 14.84 -18.78 -6.46
C ARG C 43 13.70 -17.83 -6.82
N ALA C 44 13.58 -16.77 -6.04
CA ALA C 44 12.55 -15.76 -6.22
C ALA C 44 13.12 -14.52 -6.90
N SER C 45 12.28 -13.87 -7.70
CA SER C 45 12.72 -12.67 -8.41
C SER C 45 13.11 -11.57 -7.45
N GLN C 46 12.22 -11.23 -6.53
CA GLN C 46 12.50 -10.24 -5.50
C GLN C 46 12.97 -10.95 -4.23
N ASP C 47 13.02 -10.20 -3.12
CA ASP C 47 13.55 -10.73 -1.86
C ASP C 47 12.39 -11.04 -0.94
N ILE C 48 12.17 -12.33 -0.70
CA ILE C 48 11.20 -12.81 0.28
C ILE C 48 11.99 -13.42 1.44
N ARG C 49 11.65 -13.02 2.66
CA ARG C 49 12.53 -13.26 3.79
C ARG C 49 12.78 -14.74 4.02
N THR C 50 11.75 -15.46 4.45
CA THR C 50 11.84 -16.90 4.61
C THR C 50 10.54 -17.58 4.22
N TYR C 51 9.57 -16.84 3.70
CA TYR C 51 8.21 -17.33 3.51
C TYR C 51 8.12 -18.15 2.22
N VAL C 52 8.67 -19.35 2.30
CA VAL C 52 8.55 -20.34 1.23
C VAL C 52 8.04 -21.63 1.83
N ALA C 53 6.91 -22.11 1.33
CA ALA C 53 6.38 -23.41 1.68
C ALA C 53 6.73 -24.40 0.58
N TRP C 54 6.84 -25.66 0.96
CA TRP C 54 7.16 -26.72 0.02
C TRP C 54 6.07 -27.78 0.07
N TYR C 55 5.48 -28.06 -1.08
CA TYR C 55 4.40 -29.02 -1.23
C TYR C 55 4.85 -30.20 -2.07
N GLN C 56 4.32 -31.37 -1.76
CA GLN C 56 4.59 -32.58 -2.51
C GLN C 56 3.28 -33.13 -3.04
N GLN C 57 3.20 -33.32 -4.36
CA GLN C 57 2.03 -33.90 -5.01
C GLN C 57 2.43 -35.22 -5.63
N ARG C 58 1.92 -36.31 -5.07
CA ARG C 58 2.15 -37.62 -5.66
C ARG C 58 1.42 -37.70 -7.00
N PRO C 59 1.82 -38.64 -7.87
CA PRO C 59 1.32 -38.58 -9.25
C PRO C 59 -0.19 -38.53 -9.38
N GLY C 60 -0.91 -39.20 -8.50
CA GLY C 60 -2.36 -39.13 -8.54
C GLY C 60 -2.97 -38.33 -7.42
N LYS C 61 -2.41 -38.44 -6.23
CA LYS C 61 -3.03 -37.87 -5.04
C LYS C 61 -2.96 -36.34 -5.06
N VAL C 62 -3.67 -35.74 -4.12
CA VAL C 62 -3.67 -34.29 -3.96
C VAL C 62 -2.31 -33.86 -3.43
N PRO C 63 -1.86 -32.64 -3.71
CA PRO C 63 -0.59 -32.19 -3.13
C PRO C 63 -0.65 -32.12 -1.62
N ARG C 64 0.49 -32.41 -1.01
CA ARG C 64 0.63 -32.45 0.44
C ARG C 64 1.64 -31.39 0.86
N LEU C 65 1.27 -30.54 1.80
CA LEU C 65 2.20 -29.57 2.33
C LEU C 65 3.28 -30.28 3.14
N LEU C 66 4.54 -30.02 2.81
CA LEU C 66 5.65 -30.61 3.53
C LEU C 66 6.30 -29.63 4.50
N ILE C 67 6.65 -28.45 4.01
CA ILE C 67 7.52 -27.54 4.76
C ILE C 67 6.90 -26.15 4.84
N TYR C 68 6.95 -25.56 6.03
CA TYR C 68 6.57 -24.18 6.28
C TYR C 68 7.67 -23.27 5.75
N ALA C 69 7.72 -22.02 6.21
CA ALA C 69 8.87 -21.17 5.99
C ALA C 69 10.14 -22.00 6.09
N ALA C 70 10.94 -22.00 5.01
CA ALA C 70 11.83 -23.11 4.74
C ALA C 70 12.74 -23.43 5.92
N SER C 71 12.48 -24.58 6.55
CA SER C 71 13.12 -25.09 7.76
C SER C 71 12.13 -25.97 8.49
N THR C 72 10.98 -25.40 8.84
CA THR C 72 9.99 -26.09 9.65
C THR C 72 9.30 -27.19 8.87
N LEU C 73 9.16 -28.35 9.49
CA LEU C 73 8.48 -29.47 8.84
C LEU C 73 6.99 -29.39 9.13
N GLN C 74 6.26 -30.45 8.77
CA GLN C 74 4.84 -30.57 9.02
C GLN C 74 4.58 -31.87 9.79
N SER C 75 3.63 -31.82 10.71
CA SER C 75 3.30 -32.98 11.51
C SER C 75 2.88 -34.14 10.61
N GLY C 76 3.46 -35.30 10.84
CA GLY C 76 3.23 -36.47 10.03
C GLY C 76 4.23 -36.69 8.91
N VAL C 77 5.02 -35.67 8.59
CA VAL C 77 6.06 -35.83 7.56
C VAL C 77 7.30 -36.43 8.20
N PRO C 78 7.88 -37.49 7.63
CA PRO C 78 9.14 -38.01 8.16
C PRO C 78 10.23 -36.97 8.09
N SER C 79 11.13 -37.00 9.07
CA SER C 79 12.20 -36.01 9.19
C SER C 79 13.26 -36.15 8.12
N ARG C 80 13.03 -37.00 7.13
CA ARG C 80 13.95 -37.13 6.01
C ARG C 80 14.05 -35.82 5.23
N PHE C 81 12.91 -35.17 5.00
CA PHE C 81 12.90 -33.90 4.28
C PHE C 81 13.48 -32.80 5.13
N SER C 82 14.14 -31.84 4.47
CA SER C 82 14.78 -30.74 5.18
C SER C 82 14.69 -29.48 4.33
N GLY C 83 14.26 -28.38 4.94
CA GLY C 83 14.23 -27.11 4.26
C GLY C 83 15.48 -26.29 4.58
N ARG C 84 15.83 -25.41 3.65
CA ARG C 84 17.04 -24.62 3.80
C ARG C 84 16.93 -23.39 2.91
N GLY C 85 17.70 -22.36 3.24
CA GLY C 85 17.81 -21.19 2.40
C GLY C 85 17.08 -19.99 2.99
N SER C 86 17.22 -18.87 2.28
CA SER C 86 16.66 -17.61 2.75
C SER C 86 16.84 -16.57 1.65
N GLY C 87 16.09 -15.49 1.78
CA GLY C 87 16.20 -14.40 0.81
C GLY C 87 15.75 -14.80 -0.57
N THR C 88 16.71 -14.95 -1.49
CA THR C 88 16.35 -15.28 -2.86
C THR C 88 16.29 -16.79 -3.09
N ASP C 89 17.26 -17.54 -2.59
CA ASP C 89 17.39 -18.95 -2.93
C ASP C 89 16.94 -19.81 -1.75
N PHE C 90 16.17 -20.85 -2.07
CA PHE C 90 15.68 -21.81 -1.09
C PHE C 90 15.87 -23.21 -1.67
N THR C 91 15.93 -24.19 -0.78
CA THR C 91 16.27 -25.55 -1.18
C THR C 91 15.56 -26.55 -0.28
N LEU C 92 14.97 -27.57 -0.90
CA LEU C 92 14.47 -28.74 -0.21
C LEU C 92 15.42 -29.89 -0.48
N THR C 93 15.79 -30.60 0.58
CA THR C 93 16.72 -31.71 0.49
C THR C 93 16.08 -32.95 1.06
N ILE C 94 16.32 -34.09 0.42
CA ILE C 94 15.82 -35.37 0.85
C ILE C 94 17.00 -36.28 1.11
N SER C 95 17.00 -36.93 2.28
CA SER C 95 17.97 -37.96 2.61
C SER C 95 17.56 -39.25 1.91
N SER C 96 18.10 -40.38 2.34
CA SER C 96 17.91 -41.68 1.69
C SER C 96 16.49 -41.84 1.17
N LEU C 97 16.37 -42.06 -0.13
CA LEU C 97 15.08 -42.04 -0.80
C LEU C 97 14.34 -43.36 -0.62
N GLN C 98 13.04 -43.31 -0.86
CA GLN C 98 12.16 -44.48 -0.95
C GLN C 98 11.29 -44.32 -2.18
N PRO C 99 10.69 -45.42 -2.66
CA PRO C 99 9.72 -45.29 -3.76
C PRO C 99 8.51 -44.45 -3.39
N GLU C 100 8.28 -44.22 -2.10
CA GLU C 100 7.18 -43.37 -1.65
C GLU C 100 7.34 -41.92 -2.08
N ASP C 101 8.57 -41.48 -2.38
CA ASP C 101 8.86 -40.08 -2.67
C ASP C 101 9.10 -39.81 -4.14
N VAL C 102 8.34 -40.44 -5.03
CA VAL C 102 8.52 -40.27 -6.47
C VAL C 102 7.61 -39.16 -6.97
N ALA C 103 7.19 -38.28 -6.07
CA ALA C 103 6.20 -37.26 -6.39
C ALA C 103 6.82 -36.07 -7.10
N THR C 104 6.00 -35.05 -7.34
CA THR C 104 6.42 -33.76 -7.84
C THR C 104 6.45 -32.76 -6.70
N TYR C 105 7.43 -31.88 -6.70
CA TYR C 105 7.63 -30.96 -5.59
C TYR C 105 7.53 -29.52 -6.07
N TYR C 106 6.69 -28.74 -5.41
CA TYR C 106 6.47 -27.34 -5.74
C TYR C 106 6.89 -26.48 -4.56
N CYS C 107 7.43 -25.31 -4.85
CA CYS C 107 7.75 -24.34 -3.81
C CYS C 107 6.90 -23.11 -4.03
N GLN C 108 6.11 -22.77 -3.02
CA GLN C 108 5.25 -21.59 -3.05
C GLN C 108 5.90 -20.49 -2.23
N GLN C 109 5.81 -19.27 -2.72
CA GLN C 109 6.19 -18.11 -1.93
C GLN C 109 4.90 -17.49 -1.40
N TYR C 110 4.76 -17.46 -0.09
CA TYR C 110 3.59 -16.82 0.50
C TYR C 110 3.92 -15.48 1.13
N ASN C 111 5.04 -14.88 0.75
CA ASN C 111 5.28 -13.48 1.03
C ASN C 111 4.47 -12.62 0.07
N SER C 112 3.93 -11.52 0.58
CA SER C 112 3.18 -10.56 -0.21
C SER C 112 1.96 -11.17 -0.88
N ALA C 113 1.31 -10.39 -1.72
CA ALA C 113 0.07 -10.75 -2.41
C ALA C 113 0.41 -11.51 -3.70
N PRO C 114 -0.57 -11.86 -4.56
CA PRO C 114 -0.50 -13.15 -5.29
C PRO C 114 0.55 -14.15 -4.84
N LEU C 115 0.13 -15.11 -4.04
CA LEU C 115 1.00 -16.18 -3.56
C LEU C 115 1.31 -17.09 -4.73
N THR C 116 2.44 -16.86 -5.39
CA THR C 116 2.76 -17.58 -6.61
C THR C 116 3.38 -18.94 -6.28
N PHE C 117 3.38 -19.81 -7.28
CA PHE C 117 3.98 -21.13 -7.18
C PHE C 117 5.16 -21.22 -8.14
N GLY C 118 6.07 -22.13 -7.83
CA GLY C 118 7.15 -22.48 -8.73
C GLY C 118 6.71 -23.53 -9.73
N GLY C 119 7.67 -24.00 -10.51
CA GLY C 119 7.44 -25.09 -11.43
C GLY C 119 7.46 -26.42 -10.69
N GLY C 120 7.43 -27.48 -11.48
CA GLY C 120 7.47 -28.82 -10.93
C GLY C 120 8.86 -29.41 -10.95
N ALA C 121 9.10 -30.31 -10.01
CA ALA C 121 10.37 -31.04 -9.94
C ALA C 121 10.05 -32.53 -9.88
N LYS C 122 9.83 -33.12 -11.05
CA LYS C 122 9.51 -34.53 -11.12
C LYS C 122 10.70 -35.37 -10.64
N VAL C 123 10.41 -36.40 -9.84
CA VAL C 123 11.43 -37.28 -9.30
C VAL C 123 11.05 -38.71 -9.64
N GLU C 124 11.94 -39.42 -10.32
CA GLU C 124 11.71 -40.81 -10.69
C GLU C 124 12.92 -41.65 -10.31
N ILE C 125 12.67 -42.77 -9.65
CA ILE C 125 13.74 -43.66 -9.21
C ILE C 125 14.34 -44.38 -10.41
N VAL D 21 13.02 25.49 5.23
CA VAL D 21 12.41 24.62 4.23
C VAL D 21 13.26 24.57 2.97
N GLN D 22 13.53 23.36 2.50
CA GLN D 22 14.37 23.16 1.33
C GLN D 22 14.18 21.73 0.83
N LEU D 23 14.67 21.47 -0.37
CA LEU D 23 14.50 20.18 -1.00
C LEU D 23 15.68 19.93 -1.92
N VAL D 24 16.38 18.82 -1.71
CA VAL D 24 17.59 18.50 -2.47
C VAL D 24 17.43 17.13 -3.11
N GLN D 25 17.78 17.03 -4.38
CA GLN D 25 17.60 15.80 -5.13
C GLN D 25 18.82 14.90 -4.97
N SER D 26 18.89 13.86 -5.78
CA SER D 26 20.05 12.99 -5.85
C SER D 26 21.09 13.63 -6.76
N GLY D 27 22.12 12.87 -7.14
CA GLY D 27 23.09 13.32 -8.10
C GLY D 27 22.81 12.74 -9.47
N PRO D 28 23.63 13.11 -10.45
CA PRO D 28 23.47 12.52 -11.79
C PRO D 28 23.59 11.01 -11.75
N GLU D 29 22.80 10.36 -12.59
CA GLU D 29 22.65 8.90 -12.60
C GLU D 29 22.83 8.35 -14.00
N VAL D 30 23.90 8.79 -14.67
CA VAL D 30 24.14 8.37 -16.05
C VAL D 30 24.24 6.86 -16.11
N LYS D 31 23.32 6.25 -16.84
CA LYS D 31 23.25 4.80 -16.96
C LYS D 31 23.17 4.40 -18.43
N LYS D 32 22.92 3.12 -18.66
CA LYS D 32 22.80 2.53 -19.98
C LYS D 32 21.34 2.21 -20.27
N PRO D 33 20.96 2.13 -21.55
CA PRO D 33 19.57 1.81 -21.87
C PRO D 33 19.14 0.46 -21.28
N GLY D 34 17.89 0.40 -20.85
CA GLY D 34 17.34 -0.79 -20.24
C GLY D 34 17.51 -0.87 -18.74
N THR D 35 18.25 0.05 -18.13
CA THR D 35 18.48 0.04 -16.69
C THR D 35 17.25 0.62 -15.97
N SER D 36 17.43 0.95 -14.69
CA SER D 36 16.35 1.52 -13.89
C SER D 36 16.96 2.54 -12.93
N VAL D 37 16.36 3.72 -12.83
CA VAL D 37 16.90 4.80 -12.00
C VAL D 37 15.99 5.02 -10.80
N ARG D 38 16.60 5.18 -9.64
CA ARG D 38 15.90 5.41 -8.38
C ARG D 38 16.29 6.80 -7.91
N VAL D 39 15.55 7.81 -8.38
CA VAL D 39 15.87 9.21 -8.11
C VAL D 39 15.22 9.61 -6.80
N SER D 40 16.00 10.23 -5.92
CA SER D 40 15.56 10.54 -4.58
C SER D 40 15.57 12.04 -4.33
N CYS D 41 14.48 12.54 -3.77
CA CYS D 41 14.41 13.91 -3.27
C CYS D 41 14.22 13.87 -1.77
N LYS D 42 15.07 14.59 -1.05
CA LYS D 42 15.00 14.68 0.40
C LYS D 42 14.58 16.08 0.78
N ALA D 43 13.61 16.18 1.67
CA ALA D 43 12.97 17.44 2.03
C ALA D 43 13.26 17.78 3.48
N SER D 44 13.42 19.07 3.77
CA SER D 44 13.68 19.53 5.12
C SER D 44 12.79 20.73 5.43
N GLY D 45 12.35 20.80 6.68
CA GLY D 45 11.57 21.93 7.14
C GLY D 45 10.07 21.72 7.12
N PHE D 46 9.59 20.86 6.23
CA PHE D 46 8.14 20.71 6.07
C PHE D 46 7.58 19.88 7.21
N THR D 47 6.25 19.95 7.36
CA THR D 47 5.52 18.83 7.95
C THR D 47 5.17 17.92 6.77
N PHE D 48 6.14 17.10 6.40
CA PHE D 48 6.10 16.36 5.14
C PHE D 48 4.92 15.41 5.07
N SER D 49 4.29 15.09 6.20
CA SER D 49 3.15 14.18 6.17
C SER D 49 2.01 14.73 5.34
N THR D 50 1.88 16.05 5.24
CA THR D 50 0.79 16.65 4.48
C THR D 50 1.21 17.05 3.06
N SER D 51 2.49 17.00 2.74
CA SER D 51 2.96 17.54 1.48
C SER D 51 2.64 16.61 0.31
N ALA D 52 2.77 17.17 -0.89
CA ALA D 52 2.69 16.42 -2.13
C ALA D 52 3.95 16.69 -2.93
N VAL D 53 4.47 15.66 -3.58
CA VAL D 53 5.69 15.79 -4.37
C VAL D 53 5.36 15.45 -5.81
N GLN D 54 5.49 16.42 -6.70
CA GLN D 54 5.30 16.17 -8.11
C GLN D 54 6.65 16.04 -8.79
N TRP D 55 6.71 15.11 -9.75
CA TRP D 55 7.92 14.79 -10.48
C TRP D 55 7.73 15.19 -11.93
N VAL D 56 8.64 16.01 -12.45
CA VAL D 56 8.57 16.52 -13.82
C VAL D 56 9.93 16.32 -14.48
N ARG D 57 9.93 16.43 -15.80
CA ARG D 57 11.10 16.12 -16.61
C ARG D 57 11.26 17.18 -17.69
N GLN D 58 12.50 17.54 -18.00
CA GLN D 58 12.76 18.54 -19.02
C GLN D 58 14.04 18.19 -19.76
N ALA D 59 13.93 17.97 -21.07
CA ALA D 59 15.10 17.70 -21.87
C ALA D 59 15.94 18.96 -22.01
N ARG D 60 17.13 18.80 -22.58
CA ARG D 60 18.00 19.95 -22.83
C ARG D 60 17.41 20.82 -23.94
N GLY D 61 17.15 22.08 -23.61
CA GLY D 61 16.58 22.98 -24.59
C GLY D 61 15.16 22.67 -24.99
N GLN D 62 14.41 21.98 -24.14
CA GLN D 62 13.03 21.63 -24.46
C GLN D 62 12.08 22.12 -23.39
N ARG D 63 10.80 21.78 -23.52
CA ARG D 63 9.79 22.19 -22.57
C ARG D 63 9.65 21.18 -21.44
N LEU D 64 9.13 21.64 -20.32
CA LEU D 64 8.88 20.75 -19.19
C LEU D 64 7.86 19.69 -19.56
N GLU D 65 8.09 18.48 -19.06
CA GLU D 65 7.18 17.36 -19.28
C GLU D 65 6.79 16.79 -17.92
N TRP D 66 5.51 16.85 -17.59
CA TRP D 66 5.04 16.29 -16.34
C TRP D 66 5.18 14.77 -16.36
N ILE D 67 5.61 14.21 -15.24
CA ILE D 67 5.68 12.76 -15.07
C ILE D 67 4.57 12.26 -14.15
N GLY D 68 4.50 12.80 -12.94
CA GLY D 68 3.48 12.32 -12.02
C GLY D 68 3.50 13.09 -10.73
N TRP D 69 2.74 12.61 -9.76
CA TRP D 69 2.76 13.24 -8.45
C TRP D 69 2.37 12.23 -7.38
N ILE D 70 2.76 12.56 -6.14
CA ILE D 70 2.60 11.70 -4.98
C ILE D 70 1.89 12.51 -3.90
N ALA D 71 0.81 11.97 -3.36
CA ALA D 71 0.23 12.46 -2.12
C ALA D 71 0.92 11.71 -1.00
N VAL D 72 1.80 12.41 -0.27
CA VAL D 72 2.66 11.76 0.71
C VAL D 72 1.85 11.19 1.86
N GLY D 73 0.86 11.94 2.34
CA GLY D 73 0.03 11.47 3.42
C GLY D 73 -0.64 10.15 3.13
N SER D 74 -1.59 10.16 2.20
CA SER D 74 -2.21 8.92 1.76
C SER D 74 -1.26 8.05 0.97
N GLY D 75 -0.13 8.59 0.52
CA GLY D 75 0.78 7.84 -0.32
C GLY D 75 0.17 7.44 -1.64
N LYS D 76 -0.71 8.27 -2.19
CA LYS D 76 -1.43 7.94 -3.41
C LYS D 76 -0.75 8.60 -4.59
N THR D 77 -0.34 7.79 -5.56
CA THR D 77 0.46 8.27 -6.67
C THR D 77 -0.38 8.30 -7.94
N ASP D 78 -0.33 9.41 -8.67
CA ASP D 78 -0.98 9.55 -9.95
C ASP D 78 0.09 9.75 -11.01
N TYR D 79 0.10 8.89 -12.02
CA TYR D 79 1.08 8.95 -13.09
C TYR D 79 0.44 9.45 -14.38
N LEU D 80 1.28 9.98 -15.26
CA LEU D 80 0.86 10.21 -16.63
C LEU D 80 0.67 8.88 -17.34
N GLN D 81 -0.31 8.82 -18.24
CA GLN D 81 -0.60 7.57 -18.93
C GLN D 81 0.60 7.07 -19.72
N LYS D 82 1.36 7.98 -20.33
CA LYS D 82 2.54 7.58 -21.08
C LYS D 82 3.56 6.89 -20.18
N PHE D 83 3.70 7.36 -18.95
CA PHE D 83 4.62 6.79 -17.98
C PHE D 83 3.94 5.81 -17.03
N GLN D 84 2.67 5.49 -17.24
CA GLN D 84 1.91 4.76 -16.23
C GLN D 84 2.56 3.42 -15.89
N GLU D 85 2.88 2.62 -16.91
CA GLU D 85 3.44 1.30 -16.66
C GLU D 85 4.92 1.35 -16.30
N ARG D 86 5.67 2.28 -16.87
CA ARG D 86 7.12 2.27 -16.71
C ARG D 86 7.54 2.63 -15.30
N VAL D 87 6.99 3.72 -14.76
CA VAL D 87 7.53 4.36 -13.56
C VAL D 87 6.61 4.13 -12.38
N THR D 88 7.22 4.00 -11.20
CA THR D 88 6.52 3.96 -9.93
C THR D 88 7.10 5.01 -9.01
N MET D 89 6.35 5.34 -7.96
CA MET D 89 6.78 6.38 -7.03
C MET D 89 6.40 5.98 -5.61
N THR D 90 7.33 6.22 -4.68
CA THR D 90 7.13 5.84 -3.28
C THR D 90 7.68 6.95 -2.39
N ARG D 91 7.50 6.78 -1.09
CA ARG D 91 7.79 7.85 -0.13
C ARG D 91 8.85 7.51 0.89
N ASP D 92 8.67 6.44 1.67
CA ASP D 92 9.48 6.18 2.85
C ASP D 92 9.42 7.37 3.80
N GLU D 93 8.23 7.58 4.34
CA GLU D 93 7.94 8.75 5.17
C GLU D 93 8.85 8.85 6.39
N SER D 94 9.44 7.73 6.82
CA SER D 94 10.31 7.76 7.99
C SER D 94 11.49 8.70 7.78
N THR D 95 12.09 8.67 6.60
CA THR D 95 13.21 9.53 6.28
C THR D 95 12.80 10.84 5.64
N ASN D 96 11.50 11.07 5.44
CA ASN D 96 10.99 12.31 4.85
C ASN D 96 11.60 12.55 3.47
N THR D 97 11.51 11.55 2.60
CA THR D 97 12.03 11.62 1.25
C THR D 97 10.95 11.19 0.26
N ALA D 98 11.33 11.11 -1.00
CA ALA D 98 10.42 10.72 -2.07
C ALA D 98 11.23 10.12 -3.20
N TYR D 99 10.84 8.92 -3.64
CA TYR D 99 11.63 8.14 -4.58
C TYR D 99 10.83 7.92 -5.86
N MET D 100 11.50 8.04 -6.99
CA MET D 100 10.93 7.74 -8.29
C MET D 100 11.73 6.60 -8.90
N GLN D 101 11.07 5.46 -9.12
CA GLN D 101 11.67 4.27 -9.73
C GLN D 101 11.25 4.23 -11.19
N LEU D 102 12.18 4.51 -12.10
CA LEU D 102 11.92 4.45 -13.51
C LEU D 102 12.54 3.19 -14.09
N SER D 103 11.72 2.41 -14.79
CA SER D 103 12.11 1.14 -15.39
C SER D 103 12.88 1.38 -16.68
N SER D 104 13.01 0.34 -17.50
CA SER D 104 13.85 0.32 -18.69
C SER D 104 13.83 1.65 -19.42
N LEU D 105 15.01 2.24 -19.56
CA LEU D 105 15.16 3.61 -20.06
C LEU D 105 15.31 3.56 -21.58
N ARG D 106 14.30 4.03 -22.30
CA ARG D 106 14.47 4.26 -23.71
C ARG D 106 15.34 5.50 -23.93
N SER D 107 15.82 5.65 -25.17
CA SER D 107 16.79 6.70 -25.45
C SER D 107 16.22 8.10 -25.25
N GLU D 108 14.90 8.24 -25.15
CA GLU D 108 14.30 9.56 -24.99
C GLU D 108 14.51 10.13 -23.60
N ASP D 109 14.76 9.29 -22.60
CA ASP D 109 14.79 9.77 -21.21
C ASP D 109 16.15 10.34 -20.84
N THR D 110 16.69 11.20 -21.70
CA THR D 110 17.94 11.90 -21.43
C THR D 110 17.59 13.33 -21.04
N ALA D 111 17.11 13.49 -19.80
CA ALA D 111 16.55 14.77 -19.41
C ALA D 111 16.78 15.01 -17.92
N VAL D 112 16.57 16.26 -17.52
CA VAL D 112 16.76 16.70 -16.15
C VAL D 112 15.44 16.50 -15.40
N TYR D 113 15.51 15.88 -14.23
CA TYR D 113 14.32 15.54 -13.46
C TYR D 113 14.21 16.44 -12.25
N TYR D 114 13.00 16.90 -11.96
CA TYR D 114 12.76 17.85 -10.88
C TYR D 114 11.65 17.35 -9.98
N CYS D 115 11.81 17.61 -8.68
CA CYS D 115 10.74 17.49 -7.70
C CYS D 115 10.16 18.86 -7.41
N ALA D 116 8.91 18.87 -6.96
CA ALA D 116 8.29 20.09 -6.50
C ALA D 116 7.33 19.77 -5.36
N ALA D 117 7.45 20.52 -4.27
CA ALA D 117 6.61 20.36 -3.10
C ALA D 117 6.27 21.73 -2.55
N PRO D 118 5.13 21.87 -1.90
CA PRO D 118 4.73 23.17 -1.36
C PRO D 118 5.10 23.36 0.10
N HIS D 119 4.88 24.58 0.58
CA HIS D 119 4.99 24.90 2.01
C HIS D 119 3.86 24.18 2.73
N CYS D 120 4.15 23.07 3.37
CA CYS D 120 3.13 22.33 4.13
C CYS D 120 3.42 22.32 5.62
N SER D 121 4.07 23.35 6.14
CA SER D 121 4.38 23.44 7.56
C SER D 121 3.11 23.55 8.39
N GLY D 122 3.07 22.86 9.52
CA GLY D 122 1.95 22.95 10.45
C GLY D 122 0.64 22.41 9.93
N GLY D 123 0.69 21.27 9.25
CA GLY D 123 -0.52 20.58 8.81
C GLY D 123 -1.41 21.40 7.90
N THR D 124 -0.84 22.38 7.20
CA THR D 124 -1.58 23.24 6.27
C THR D 124 -0.68 23.57 5.09
N CYS D 125 -0.96 22.93 3.95
CA CYS D 125 -0.14 23.14 2.76
C CYS D 125 -0.42 24.51 2.16
N TYR D 126 0.56 25.00 1.42
CA TYR D 126 0.48 26.30 0.75
C TYR D 126 0.34 26.06 -0.74
N ASP D 127 -0.75 26.54 -1.32
CA ASP D 127 -1.07 26.25 -2.71
C ASP D 127 0.08 26.65 -3.63
N GLY D 128 0.44 25.74 -4.53
CA GLY D 128 1.50 26.03 -5.48
C GLY D 128 2.78 25.27 -5.20
N PHE D 129 3.43 24.78 -6.24
CA PHE D 129 4.65 23.99 -6.10
C PHE D 129 5.86 24.92 -6.20
N ASP D 130 6.16 25.58 -5.09
CA ASP D 130 7.19 26.60 -5.03
C ASP D 130 8.58 26.02 -4.79
N ILE D 131 8.70 25.01 -3.94
CA ILE D 131 10.01 24.47 -3.57
C ILE D 131 10.41 23.42 -4.58
N TRP D 132 11.57 23.61 -5.21
CA TRP D 132 12.03 22.77 -6.30
C TRP D 132 13.46 22.33 -6.02
N GLY D 133 13.71 21.02 -6.11
CA GLY D 133 15.05 20.52 -5.96
C GLY D 133 15.88 20.71 -7.23
N GLN D 134 17.19 20.82 -7.04
CA GLN D 134 18.09 20.94 -8.17
C GLN D 134 18.07 19.65 -9.00
N GLY D 135 18.01 19.80 -10.31
CA GLY D 135 17.73 18.66 -11.17
C GLY D 135 18.84 17.64 -11.20
N THR D 136 18.47 16.41 -11.55
CA THR D 136 19.41 15.32 -11.72
C THR D 136 19.42 14.89 -13.18
N LEU D 137 20.59 14.96 -13.81
CA LEU D 137 20.71 14.65 -15.22
C LEU D 137 20.90 13.14 -15.39
N VAL D 138 19.94 12.50 -16.05
CA VAL D 138 19.97 11.07 -16.30
C VAL D 138 20.15 10.88 -17.80
N THR D 139 21.20 10.16 -18.18
CA THR D 139 21.51 9.89 -19.58
C THR D 139 21.26 8.42 -19.88
N VAL D 140 20.65 8.15 -21.03
CA VAL D 140 20.31 6.79 -21.42
C VAL D 140 21.38 6.21 -22.34
N ILE E 21 -6.22 18.65 -20.58
CA ILE E 21 -6.01 20.02 -21.03
C ILE E 21 -4.68 20.14 -21.75
N VAL E 22 -4.69 20.76 -22.92
CA VAL E 22 -3.49 21.03 -23.70
C VAL E 22 -3.33 22.54 -23.74
N LEU E 23 -2.43 23.07 -22.92
CA LEU E 23 -2.24 24.51 -22.84
C LEU E 23 -1.27 24.98 -23.90
N THR E 24 -1.28 26.30 -24.11
CA THR E 24 -0.34 26.94 -25.02
C THR E 24 -0.09 28.35 -24.55
N GLN E 25 1.01 28.92 -25.03
CA GLN E 25 1.38 30.29 -24.70
C GLN E 25 1.42 31.09 -25.99
N SER E 26 0.44 31.99 -26.14
CA SER E 26 0.25 32.69 -27.40
C SER E 26 1.45 33.54 -27.83
N PRO E 27 2.07 34.36 -26.97
CA PRO E 27 3.04 35.34 -27.48
C PRO E 27 4.30 34.74 -28.09
N GLY E 28 4.46 33.42 -28.11
CA GLY E 28 5.59 32.82 -28.79
C GLY E 28 6.91 33.21 -28.17
N THR E 29 7.64 34.11 -28.82
CA THR E 29 8.86 34.70 -28.29
C THR E 29 8.67 36.20 -28.20
N LEU E 30 9.08 36.80 -27.07
CA LEU E 30 8.99 38.24 -26.87
C LEU E 30 10.33 38.88 -27.21
N SER E 31 10.36 39.63 -28.31
CA SER E 31 11.55 40.39 -28.70
C SER E 31 11.36 41.85 -28.26
N LEU E 32 11.52 42.07 -26.96
CA LEU E 32 11.25 43.36 -26.33
C LEU E 32 12.51 43.92 -25.70
N SER E 33 12.37 45.13 -25.17
CA SER E 33 13.42 45.87 -24.49
C SER E 33 13.05 46.03 -23.02
N PRO E 34 14.03 46.22 -22.14
CA PRO E 34 13.71 46.29 -20.71
C PRO E 34 13.10 47.63 -20.30
N GLY E 35 12.16 48.13 -21.09
CA GLY E 35 11.44 49.34 -20.74
C GLY E 35 9.94 49.20 -20.79
N GLU E 36 9.45 48.26 -21.59
CA GLU E 36 8.03 48.15 -21.90
C GLU E 36 7.41 46.95 -21.21
N ARG E 37 6.09 46.91 -21.24
CA ARG E 37 5.34 45.85 -20.58
C ARG E 37 5.47 44.54 -21.36
N ALA E 38 5.62 43.45 -20.62
CA ALA E 38 5.67 42.10 -21.19
C ALA E 38 4.37 41.40 -20.83
N THR E 39 3.65 40.93 -21.83
CA THR E 39 2.37 40.26 -21.64
C THR E 39 2.53 38.80 -22.04
N LEU E 40 2.18 37.90 -21.13
CA LEU E 40 2.31 36.45 -21.32
C LEU E 40 0.91 35.88 -21.28
N SER E 41 0.32 35.63 -22.44
CA SER E 41 -1.05 35.15 -22.53
C SER E 41 -1.04 33.64 -22.72
N CYS E 42 -1.77 32.95 -21.85
CA CYS E 42 -1.78 31.49 -21.79
C CYS E 42 -3.20 31.01 -21.96
N ARG E 43 -3.43 30.16 -22.96
CA ARG E 43 -4.76 29.72 -23.36
C ARG E 43 -4.84 28.21 -23.25
N ALA E 44 -5.84 27.73 -22.53
CA ALA E 44 -6.06 26.29 -22.41
C ALA E 44 -7.06 25.82 -23.47
N SER E 45 -7.40 24.53 -23.41
CA SER E 45 -8.47 23.98 -24.24
C SER E 45 -9.79 23.94 -23.45
N GLN E 46 -9.79 23.27 -22.30
CA GLN E 46 -10.89 23.33 -21.37
C GLN E 46 -10.62 24.46 -20.37
N SER E 47 -11.40 24.52 -19.30
CA SER E 47 -11.14 25.46 -18.23
C SER E 47 -10.25 24.78 -17.18
N VAL E 48 -10.07 25.42 -16.03
CA VAL E 48 -9.26 24.88 -14.96
C VAL E 48 -10.09 24.89 -13.68
N ARG E 49 -9.77 23.98 -12.77
CA ARG E 49 -10.50 23.89 -11.50
C ARG E 49 -10.09 25.02 -10.59
N SER E 50 -10.89 26.08 -10.54
CA SER E 50 -10.68 27.22 -9.66
C SER E 50 -9.29 27.81 -9.79
N GLY E 51 -8.66 28.13 -8.66
CA GLY E 51 -7.36 28.74 -8.65
C GLY E 51 -6.20 27.76 -8.60
N TYR E 52 -6.18 26.83 -9.57
CA TYR E 52 -5.11 25.85 -9.65
C TYR E 52 -4.10 26.13 -10.75
N PHE E 53 -4.41 27.03 -11.69
CA PHE E 53 -3.43 27.45 -12.66
C PHE E 53 -2.28 28.16 -11.96
N ALA E 54 -1.06 27.98 -12.48
CA ALA E 54 0.12 28.58 -11.88
C ALA E 54 1.14 28.90 -12.94
N TRP E 55 1.95 29.91 -12.67
CA TRP E 55 3.02 30.34 -13.55
C TRP E 55 4.37 30.01 -12.93
N TYR E 56 5.34 29.68 -13.77
CA TYR E 56 6.69 29.41 -13.31
C TYR E 56 7.67 30.16 -14.18
N GLN E 57 8.77 30.61 -13.57
CA GLN E 57 9.87 31.23 -14.28
C GLN E 57 11.07 30.31 -14.20
N GLN E 58 11.68 30.02 -15.34
CA GLN E 58 12.90 29.24 -15.41
C GLN E 58 13.95 30.05 -16.13
N ARG E 59 14.97 30.47 -15.41
CA ARG E 59 16.13 31.10 -16.02
C ARG E 59 16.88 30.05 -16.82
N PRO E 60 17.76 30.47 -17.76
CA PRO E 60 18.33 29.50 -18.70
C PRO E 60 18.98 28.29 -18.05
N GLY E 61 19.55 28.43 -16.86
CA GLY E 61 20.18 27.30 -16.21
C GLY E 61 19.52 26.90 -14.91
N ARG E 62 18.75 27.79 -14.32
CA ARG E 62 18.22 27.57 -12.98
C ARG E 62 16.96 26.72 -13.02
N ALA E 63 16.69 26.06 -11.89
CA ALA E 63 15.44 25.35 -11.73
C ALA E 63 14.28 26.34 -11.70
N PRO E 64 13.12 25.98 -12.23
CA PRO E 64 12.00 26.92 -12.29
C PRO E 64 11.54 27.32 -10.90
N ARG E 65 11.13 28.59 -10.77
CA ARG E 65 10.62 29.12 -9.52
C ARG E 65 9.18 29.58 -9.73
N LEU E 66 8.35 29.35 -8.74
CA LEU E 66 6.92 29.57 -8.84
C LEU E 66 6.61 31.05 -8.65
N LEU E 67 5.81 31.63 -9.56
CA LEU E 67 5.48 33.05 -9.51
C LEU E 67 4.04 33.29 -9.07
N ILE E 68 3.06 32.71 -9.76
CA ILE E 68 1.68 33.12 -9.68
C ILE E 68 0.83 31.90 -9.37
N TYR E 69 -0.35 32.14 -8.79
CA TYR E 69 -1.35 31.11 -8.53
C TYR E 69 -2.59 31.40 -9.37
N GLY E 70 -3.69 30.72 -9.06
CA GLY E 70 -4.86 30.69 -9.92
C GLY E 70 -5.19 31.93 -10.71
N ALA E 71 -5.38 33.08 -10.05
CA ALA E 71 -5.73 34.29 -10.76
C ALA E 71 -4.67 35.39 -10.70
N SER E 72 -4.33 35.90 -9.51
CA SER E 72 -3.35 36.97 -9.42
C SER E 72 -2.39 36.75 -8.27
N SER E 73 -2.74 35.84 -7.36
CA SER E 73 -2.04 35.77 -6.09
C SER E 73 -0.61 35.29 -6.29
N ARG E 74 0.33 36.24 -6.27
CA ARG E 74 1.73 35.93 -6.47
C ARG E 74 2.28 35.16 -5.28
N ALA E 75 3.36 34.42 -5.52
CA ALA E 75 3.96 33.65 -4.46
C ALA E 75 4.74 34.56 -3.51
N THR E 76 5.15 34.00 -2.38
CA THR E 76 5.97 34.75 -1.45
C THR E 76 7.34 35.05 -2.06
N ALA E 77 7.91 36.17 -1.64
CA ALA E 77 9.22 36.66 -2.07
C ALA E 77 9.27 37.04 -3.54
N ILE E 78 8.16 37.00 -4.26
CA ILE E 78 8.16 37.40 -5.66
C ILE E 78 8.15 38.92 -5.73
N PRO E 79 9.11 39.54 -6.44
CA PRO E 79 9.11 41.00 -6.56
C PRO E 79 7.82 41.50 -7.19
N ASP E 80 7.42 42.69 -6.78
CA ASP E 80 6.13 43.25 -7.20
C ASP E 80 6.04 43.52 -8.70
N ARG E 81 7.17 43.50 -9.41
CA ARG E 81 7.13 43.68 -10.86
C ARG E 81 6.38 42.55 -11.55
N PHE E 82 6.16 41.43 -10.87
CA PHE E 82 5.45 40.28 -11.44
C PHE E 82 3.99 40.33 -10.99
N SER E 83 3.09 40.33 -11.96
CA SER E 83 1.67 40.29 -11.67
C SER E 83 0.96 39.63 -12.84
N GLY E 84 -0.24 39.13 -12.58
CA GLY E 84 -1.01 38.47 -13.62
C GLY E 84 -2.49 38.42 -13.34
N SER E 85 -3.30 38.44 -14.39
CA SER E 85 -4.75 38.41 -14.27
C SER E 85 -5.33 37.43 -15.28
N GLY E 86 -6.27 36.60 -14.82
CA GLY E 86 -6.91 35.66 -15.71
C GLY E 86 -7.79 34.67 -14.98
N SER E 87 -8.83 34.16 -15.65
CA SER E 87 -9.70 33.16 -15.07
C SER E 87 -10.28 32.30 -16.18
N GLY E 88 -10.75 31.11 -15.82
CA GLY E 88 -11.31 30.22 -16.82
C GLY E 88 -10.23 29.68 -17.74
N THR E 89 -10.50 29.75 -19.05
CA THR E 89 -9.51 29.30 -20.02
C THR E 89 -8.35 30.28 -20.15
N ASP E 90 -8.66 31.57 -20.22
CA ASP E 90 -7.65 32.58 -20.51
C ASP E 90 -6.89 32.95 -19.25
N PHE E 91 -5.58 33.18 -19.38
CA PHE E 91 -4.76 33.67 -18.29
C PHE E 91 -3.70 34.60 -18.85
N THR E 92 -3.20 35.50 -18.00
CA THR E 92 -2.23 36.49 -18.43
C THR E 92 -1.28 36.84 -17.31
N LEU E 93 0.00 37.01 -17.66
CA LEU E 93 1.05 37.46 -16.76
C LEU E 93 1.57 38.80 -17.29
N THR E 94 1.69 39.80 -16.41
CA THR E 94 2.17 41.10 -16.83
C THR E 94 3.48 41.43 -16.12
N ILE E 95 4.40 42.05 -16.86
CA ILE E 95 5.64 42.56 -16.31
C ILE E 95 5.71 44.04 -16.69
N ASN E 96 5.81 44.91 -15.68
CA ASN E 96 5.74 46.35 -15.92
C ASN E 96 7.13 46.93 -16.22
N ARG E 97 8.05 46.82 -15.26
CA ARG E 97 9.42 47.28 -15.47
C ARG E 97 10.29 46.06 -15.83
N LEU E 98 10.23 45.72 -17.11
CA LEU E 98 11.01 44.60 -17.61
C LEU E 98 12.48 44.87 -17.37
N GLU E 99 13.21 43.86 -16.92
CA GLU E 99 14.56 44.04 -16.45
C GLU E 99 15.47 43.00 -17.08
N PRO E 100 16.77 43.29 -17.22
CA PRO E 100 17.71 42.21 -17.57
C PRO E 100 17.64 41.05 -16.60
N GLU E 101 17.31 41.32 -15.34
CA GLU E 101 17.09 40.25 -14.38
C GLU E 101 15.90 39.37 -14.78
N ASP E 102 14.92 39.93 -15.49
CA ASP E 102 13.74 39.20 -15.92
C ASP E 102 13.85 38.88 -17.41
N PHE E 103 14.55 37.79 -17.70
CA PHE E 103 14.70 37.29 -19.07
C PHE E 103 14.86 35.77 -18.96
N ALA E 104 13.74 35.07 -19.09
CA ALA E 104 13.72 33.65 -18.79
C ALA E 104 12.68 32.99 -19.68
N VAL E 105 12.27 31.77 -19.31
CA VAL E 105 11.20 31.06 -19.99
C VAL E 105 10.09 30.83 -18.97
N TYR E 106 8.87 31.23 -19.32
CA TYR E 106 7.75 31.19 -18.40
C TYR E 106 6.78 30.10 -18.80
N TYR E 107 6.41 29.27 -17.83
CA TYR E 107 5.64 28.06 -18.08
C TYR E 107 4.31 28.13 -17.35
N CYS E 108 3.27 27.60 -17.99
CA CYS E 108 1.94 27.48 -17.42
C CYS E 108 1.84 26.14 -16.72
N GLN E 109 0.86 26.02 -15.82
CA GLN E 109 0.48 24.71 -15.33
C GLN E 109 -0.94 24.76 -14.80
N GLN E 110 -1.61 23.62 -14.86
CA GLN E 110 -2.93 23.46 -14.26
C GLN E 110 -2.90 22.25 -13.33
N TYR E 111 -3.63 22.34 -12.23
CA TYR E 111 -3.67 21.28 -11.23
C TYR E 111 -5.00 20.54 -11.27
N GLY E 112 -5.66 20.55 -12.42
CA GLY E 112 -6.97 19.95 -12.53
C GLY E 112 -6.94 18.45 -12.34
N THR E 113 -8.14 17.86 -12.31
CA THR E 113 -8.26 16.42 -12.10
C THR E 113 -7.60 15.63 -13.21
N SER E 114 -7.38 16.25 -14.37
CA SER E 114 -6.64 15.62 -15.45
C SER E 114 -5.17 15.52 -15.07
N PRO E 115 -4.41 14.68 -15.77
CA PRO E 115 -2.95 14.73 -15.62
C PRO E 115 -2.44 16.13 -15.88
N TRP E 116 -1.76 16.69 -14.90
CA TRP E 116 -1.35 18.09 -14.95
C TRP E 116 -0.43 18.33 -16.14
N THR E 117 -0.70 19.39 -16.88
CA THR E 117 0.01 19.64 -18.13
C THR E 117 0.63 21.02 -18.09
N PHE E 118 1.89 21.10 -18.48
CA PHE E 118 2.61 22.36 -18.59
C PHE E 118 2.21 23.04 -19.90
N GLY E 119 2.95 24.07 -20.27
CA GLY E 119 2.75 24.72 -21.54
C GLY E 119 4.08 24.91 -22.24
N GLN E 120 4.02 24.99 -23.57
CA GLN E 120 5.23 25.29 -24.31
C GLN E 120 5.79 26.63 -23.87
N GLY E 121 7.09 26.66 -23.59
CA GLY E 121 7.68 27.81 -22.96
C GLY E 121 7.70 29.03 -23.85
N THR E 122 7.66 30.20 -23.22
CA THR E 122 7.82 31.48 -23.91
C THR E 122 9.12 32.12 -23.46
N LYS E 123 10.01 32.37 -24.41
CA LYS E 123 11.30 32.98 -24.13
C LYS E 123 11.18 34.47 -24.38
N VAL E 124 11.62 35.26 -23.42
CA VAL E 124 11.68 36.70 -23.58
C VAL E 124 13.06 37.10 -24.09
N GLU E 125 13.09 37.85 -25.18
CA GLU E 125 14.33 38.18 -25.88
C GLU E 125 14.59 39.68 -25.77
N ILE E 126 15.86 40.04 -25.68
CA ILE E 126 16.27 41.42 -25.47
C ILE E 126 16.27 42.15 -26.81
N LYS E 127 15.78 43.39 -26.81
CA LYS E 127 15.86 44.28 -27.98
C LYS E 127 15.33 43.61 -29.24
#